data_5FWE
#
_entry.id   5FWE
#
_cell.length_a   100.739
_cell.length_b   149.400
_cell.length_c   57.372
_cell.angle_alpha   90.00
_cell.angle_beta   90.00
_cell.angle_gamma   90.00
#
_symmetry.space_group_name_H-M   'P 21 21 2'
#
loop_
_entity.id
_entity.type
_entity.pdbx_description
1 polymer 'LYSINE-SPECIFIC DEMETHYLASE 4A'
2 polymer 'SYNTHETIC PEPTIDE'
3 non-polymer 'NICKEL (II) ION'
4 non-polymer 'ZINC ION'
5 non-polymer 'CHLORIDE ION'
6 non-polymer N-OXALYLGLYCINE
7 non-polymer GLYCEROL
8 water water
#
loop_
_entity_poly.entity_id
_entity_poly.type
_entity_poly.pdbx_seq_one_letter_code
_entity_poly.pdbx_strand_id
1 'polypeptide(L)'
;MHHHHHHSSGVDLGTENLYFQSMASESETLNPSARIMTFYPTMEEFRNFSRYIAYIESQGAHRAGLAKVVPPKEWKPRAS
YDDIDDLVIPAPIQQLVTGQSGLFTQYNIQKKAMTVREFRKIANSDKYCTPRYSEFEELERKYWKNLTFNPPIYGADVNG
TLYEKHVDEWNIGRLRTILDLVEKESGITIEGVNTPYLYFGMWKTSFAWHTEDMDLYSINYLHFGEPKSWYSVPPEHGKR
LERLAKGFFPGSAQSCEAFLRHKMTLISPLMLKKYGIPFDKVTQEAGEFMITFPYGYHAGFNHGFNCAESTNFATRRWIE
YGKQAVLCSCRKDMVKISMDVFVRKFQPERYKLWKAGKDNTVIDHTLPTPEAAEFLKESEL
;
A,B
2 'polypeptide(L)' SG(2MR)GKGGKGLGKGGA C,D
#
loop_
_chem_comp.id
_chem_comp.type
_chem_comp.name
_chem_comp.formula
CL non-polymer 'CHLORIDE ION' 'Cl -1'
GOL non-polymer GLYCEROL 'C3 H8 O3'
NI non-polymer 'NICKEL (II) ION' 'Ni 2'
OGA non-polymer N-OXALYLGLYCINE 'C4 H5 N O5'
ZN non-polymer 'ZINC ION' 'Zn 2'
#
# COMPACT_ATOMS: atom_id res chain seq x y z
N THR A 29 16.58 13.47 4.73
CA THR A 29 16.51 12.35 3.81
C THR A 29 15.07 12.04 3.44
N LEU A 30 14.71 12.35 2.20
CA LEU A 30 13.35 12.16 1.69
C LEU A 30 13.27 10.84 0.96
N ASN A 31 12.36 9.96 1.40
CA ASN A 31 12.16 8.67 0.76
C ASN A 31 13.49 7.90 0.69
N PRO A 32 14.19 7.73 1.82
CA PRO A 32 15.49 7.05 1.77
C PRO A 32 15.44 5.65 1.20
N SER A 33 14.28 4.99 1.24
CA SER A 33 14.13 3.67 0.65
C SER A 33 13.84 3.71 -0.84
N ALA A 34 13.56 4.90 -1.39
CA ALA A 34 13.27 5.05 -2.81
C ALA A 34 12.07 4.19 -3.24
N ARG A 35 11.07 4.09 -2.35
CA ARG A 35 9.84 3.40 -2.69
C ARG A 35 8.90 4.33 -3.43
N ILE A 36 8.05 3.75 -4.27
CA ILE A 36 7.06 4.53 -5.00
C ILE A 36 6.10 5.19 -4.01
N MET A 37 5.92 6.50 -4.15
CA MET A 37 5.07 7.27 -3.26
C MET A 37 3.78 7.65 -3.96
N THR A 38 2.70 7.74 -3.17
CA THR A 38 1.39 8.12 -3.66
C THR A 38 0.98 9.43 -2.99
N PHE A 39 0.31 10.30 -3.74
CA PHE A 39 -0.03 11.63 -3.26
C PHE A 39 -1.51 11.91 -3.52
N TYR A 40 -2.08 12.76 -2.67
CA TYR A 40 -3.52 13.05 -2.67
C TYR A 40 -3.72 14.56 -2.58
N PRO A 41 -3.48 15.28 -3.67
CA PRO A 41 -3.62 16.74 -3.63
C PRO A 41 -5.06 17.18 -3.46
N THR A 42 -5.24 18.30 -2.77
CA THR A 42 -6.49 19.04 -2.84
C THR A 42 -6.63 19.65 -4.24
N MET A 43 -7.82 20.17 -4.53
CA MET A 43 -8.00 20.82 -5.82
C MET A 43 -7.14 22.07 -5.91
N GLU A 44 -7.12 22.88 -4.85
CA GLU A 44 -6.24 24.03 -4.80
C GLU A 44 -4.82 23.63 -5.20
N GLU A 45 -4.31 22.56 -4.60
CA GLU A 45 -3.00 22.04 -4.97
C GLU A 45 -2.98 21.54 -6.41
N PHE A 46 -4.05 20.84 -6.81
CA PHE A 46 -4.12 20.20 -8.12
C PHE A 46 -4.11 21.21 -9.25
N ARG A 47 -4.41 22.48 -8.97
CA ARG A 47 -4.57 23.46 -10.04
CA ARG A 47 -4.56 23.46 -10.03
C ARG A 47 -3.23 23.78 -10.70
N ASN A 48 -2.17 23.97 -9.92
CA ASN A 48 -0.86 24.30 -10.48
C ASN A 48 -0.06 23.01 -10.64
N PHE A 49 0.03 22.53 -11.88
CA PHE A 49 0.64 21.23 -12.15
C PHE A 49 2.15 21.26 -11.88
N SER A 50 2.88 22.15 -12.57
CA SER A 50 4.32 22.23 -12.39
C SER A 50 4.67 22.40 -10.92
N ARG A 51 3.91 23.25 -10.21
CA ARG A 51 4.16 23.50 -8.80
C ARG A 51 4.02 22.23 -7.98
N TYR A 52 3.01 21.42 -8.27
CA TYR A 52 2.82 20.20 -7.50
C TYR A 52 3.89 19.16 -7.82
N ILE A 53 4.34 19.11 -9.07
CA ILE A 53 5.48 18.26 -9.39
C ILE A 53 6.67 18.66 -8.52
N ALA A 54 6.94 19.97 -8.43
CA ALA A 54 8.02 20.43 -7.55
C ALA A 54 7.76 20.01 -6.11
N TYR A 55 6.51 20.03 -5.67
CA TYR A 55 6.19 19.63 -4.30
C TYR A 55 6.54 18.17 -4.05
N ILE A 56 6.05 17.27 -4.91
CA ILE A 56 6.31 15.85 -4.70
C ILE A 56 7.80 15.57 -4.79
N GLU A 57 8.53 16.32 -5.63
CA GLU A 57 9.98 16.18 -5.62
C GLU A 57 10.58 16.65 -4.30
N SER A 58 9.99 17.68 -3.67
CA SER A 58 10.45 18.07 -2.34
C SER A 58 10.18 17.00 -1.30
N GLN A 59 9.29 16.05 -1.59
CA GLN A 59 9.04 14.93 -0.70
CA GLN A 59 9.03 14.93 -0.71
C GLN A 59 9.88 13.71 -1.03
N GLY A 60 10.68 13.76 -2.10
CA GLY A 60 11.54 12.66 -2.47
C GLY A 60 10.92 11.67 -3.44
N ALA A 61 9.77 11.98 -4.04
CA ALA A 61 9.13 11.04 -4.93
C ALA A 61 10.05 10.64 -6.08
N HIS A 62 10.76 11.61 -6.66
CA HIS A 62 11.57 11.36 -7.83
C HIS A 62 12.60 10.26 -7.61
N ARG A 63 12.99 10.00 -6.36
CA ARG A 63 14.02 8.99 -6.09
C ARG A 63 13.57 7.60 -6.52
N ALA A 64 12.26 7.35 -6.55
CA ALA A 64 11.80 6.04 -7.00
C ALA A 64 11.73 5.94 -8.52
N GLY A 65 11.84 7.07 -9.23
CA GLY A 65 11.65 7.09 -10.66
C GLY A 65 10.21 7.03 -11.11
N LEU A 66 9.27 6.85 -10.19
CA LEU A 66 7.87 6.68 -10.52
C LEU A 66 7.05 7.04 -9.29
N ALA A 67 5.93 7.74 -9.51
CA ALA A 67 5.07 8.14 -8.41
C ALA A 67 3.63 8.16 -8.89
N LYS A 68 2.70 7.92 -7.96
CA LYS A 68 1.28 7.98 -8.26
C LYS A 68 0.68 9.25 -7.66
N VAL A 69 -0.24 9.86 -8.42
CA VAL A 69 -1.00 11.01 -7.95
C VAL A 69 -2.48 10.69 -8.14
N VAL A 70 -3.24 10.71 -7.05
CA VAL A 70 -4.67 10.47 -7.08
C VAL A 70 -5.36 11.83 -7.16
N PRO A 71 -6.11 12.13 -8.23
CA PRO A 71 -6.71 13.45 -8.33
C PRO A 71 -7.88 13.60 -7.37
N PRO A 72 -8.21 14.82 -6.96
CA PRO A 72 -9.36 15.02 -6.07
C PRO A 72 -10.65 14.42 -6.66
N LYS A 73 -11.57 14.07 -5.76
CA LYS A 73 -12.78 13.37 -6.17
C LYS A 73 -13.62 14.20 -7.14
N GLU A 74 -13.66 15.52 -6.94
CA GLU A 74 -14.52 16.38 -7.74
C GLU A 74 -13.87 16.79 -9.07
N TRP A 75 -12.78 16.14 -9.47
CA TRP A 75 -12.13 16.40 -10.76
C TRP A 75 -12.47 15.29 -11.74
N LYS A 76 -12.82 15.67 -12.96
CA LYS A 76 -13.08 14.73 -14.03
C LYS A 76 -12.61 15.35 -15.34
N PRO A 77 -11.76 14.67 -16.12
CA PRO A 77 -11.35 15.23 -17.42
C PRO A 77 -12.43 15.13 -18.48
N ARG A 78 -13.43 14.27 -18.30
CA ARG A 78 -14.44 14.01 -19.30
C ARG A 78 -15.65 13.40 -18.61
N ALA A 79 -16.83 13.66 -19.16
CA ALA A 79 -18.06 13.23 -18.51
C ALA A 79 -18.41 11.78 -18.84
N SER A 80 -18.18 11.35 -20.07
CA SER A 80 -18.52 9.99 -20.47
C SER A 80 -17.55 9.52 -21.55
N TYR A 81 -17.15 8.25 -21.44
CA TYR A 81 -16.32 7.60 -22.44
C TYR A 81 -17.12 6.68 -23.35
N ASP A 82 -18.45 6.80 -23.33
CA ASP A 82 -19.30 6.02 -24.22
C ASP A 82 -19.46 6.68 -25.59
N ASP A 83 -19.07 7.95 -25.74
CA ASP A 83 -19.25 8.68 -26.99
C ASP A 83 -17.99 8.69 -27.85
N ILE A 84 -17.01 7.83 -27.56
CA ILE A 84 -15.76 7.80 -28.30
C ILE A 84 -15.60 6.51 -29.10
N ASP A 85 -16.64 5.69 -29.18
CA ASP A 85 -16.49 4.39 -29.83
C ASP A 85 -16.22 4.51 -31.32
N ASP A 86 -16.39 5.70 -31.91
CA ASP A 86 -16.04 5.93 -33.31
C ASP A 86 -14.60 6.38 -33.49
N LEU A 87 -13.85 6.54 -32.41
CA LEU A 87 -12.43 6.85 -32.50
C LEU A 87 -11.70 5.73 -33.21
N VAL A 88 -10.81 6.09 -34.14
CA VAL A 88 -10.05 5.11 -34.91
C VAL A 88 -8.69 4.91 -34.26
N ILE A 89 -8.28 3.65 -34.15
CA ILE A 89 -6.92 3.30 -33.78
C ILE A 89 -6.18 2.99 -35.08
N PRO A 90 -5.43 3.94 -35.63
CA PRO A 90 -4.91 3.74 -37.00
C PRO A 90 -3.80 2.71 -37.10
N ALA A 91 -3.04 2.42 -36.03
CA ALA A 91 -1.88 1.55 -36.13
C ALA A 91 -1.81 0.61 -34.92
N PRO A 92 -2.81 -0.25 -34.75
CA PRO A 92 -2.74 -1.26 -33.69
C PRO A 92 -1.54 -2.18 -33.90
N ILE A 93 -1.04 -2.73 -32.80
CA ILE A 93 0.21 -3.47 -32.80
C ILE A 93 -0.02 -4.81 -32.10
N GLN A 94 0.28 -5.90 -32.80
CA GLN A 94 0.30 -7.22 -32.20
C GLN A 94 1.69 -7.46 -31.62
N GLN A 95 1.72 -7.82 -30.33
CA GLN A 95 2.96 -7.91 -29.56
C GLN A 95 3.39 -9.38 -29.49
N LEU A 96 4.30 -9.77 -30.37
CA LEU A 96 4.94 -11.07 -30.30
C LEU A 96 6.11 -10.99 -29.32
N VAL A 97 6.30 -12.03 -28.53
CA VAL A 97 7.34 -12.04 -27.51
C VAL A 97 8.07 -13.37 -27.57
N THR A 98 9.41 -13.32 -27.61
CA THR A 98 10.23 -14.52 -27.58
C THR A 98 11.25 -14.40 -26.47
N GLY A 99 11.47 -15.49 -25.75
CA GLY A 99 12.49 -15.50 -24.72
C GLY A 99 12.24 -16.62 -23.72
N GLN A 100 12.97 -16.53 -22.62
CA GLN A 100 12.92 -17.56 -21.58
C GLN A 100 13.65 -17.04 -20.35
N SER A 101 13.44 -17.73 -19.24
CA SER A 101 14.15 -17.45 -17.99
C SER A 101 14.11 -15.97 -17.64
N GLY A 102 12.93 -15.37 -17.80
CA GLY A 102 12.71 -13.99 -17.41
C GLY A 102 13.27 -12.95 -18.35
N LEU A 103 13.86 -13.34 -19.47
CA LEU A 103 14.42 -12.41 -20.44
C LEU A 103 13.72 -12.59 -21.77
N PHE A 104 13.19 -11.50 -22.32
CA PHE A 104 12.39 -11.58 -23.53
C PHE A 104 12.63 -10.36 -24.42
N THR A 105 12.39 -10.57 -25.71
CA THR A 105 12.38 -9.50 -26.70
C THR A 105 10.98 -9.46 -27.34
N GLN A 106 10.49 -8.24 -27.55
CA GLN A 106 9.16 -7.99 -28.06
C GLN A 106 9.22 -7.39 -29.45
N TYR A 107 8.55 -8.04 -30.39
CA TYR A 107 8.45 -7.57 -31.78
C TYR A 107 7.01 -7.15 -32.04
N ASN A 108 6.85 -5.98 -32.64
CA ASN A 108 5.53 -5.44 -32.94
C ASN A 108 5.18 -5.73 -34.40
N ILE A 109 3.90 -6.02 -34.65
CA ILE A 109 3.38 -6.17 -36.00
C ILE A 109 2.22 -5.20 -36.16
N GLN A 110 2.35 -4.26 -37.08
CA GLN A 110 1.27 -3.32 -37.32
C GLN A 110 0.12 -4.04 -38.02
N LYS A 111 -1.07 -3.91 -37.47
CA LYS A 111 -2.27 -4.50 -38.04
C LYS A 111 -3.10 -3.41 -38.73
N LYS A 112 -4.09 -3.85 -39.51
CA LYS A 112 -5.00 -2.92 -40.13
C LYS A 112 -5.70 -2.07 -39.08
N ALA A 113 -6.03 -0.84 -39.44
CA ALA A 113 -6.69 0.06 -38.51
C ALA A 113 -8.01 -0.54 -38.05
N MET A 114 -8.45 -0.10 -36.88
CA MET A 114 -9.73 -0.49 -36.33
C MET A 114 -10.22 0.64 -35.43
N THR A 115 -11.50 0.58 -35.08
CA THR A 115 -12.12 1.60 -34.26
CA THR A 115 -12.12 1.60 -34.26
C THR A 115 -12.18 1.14 -32.80
N VAL A 116 -12.23 2.12 -31.89
CA VAL A 116 -12.25 1.81 -30.46
C VAL A 116 -13.38 0.86 -30.12
N ARG A 117 -14.51 0.98 -30.80
CA ARG A 117 -15.59 0.02 -30.62
CA ARG A 117 -15.60 0.02 -30.61
C ARG A 117 -15.13 -1.40 -30.92
N GLU A 118 -14.51 -1.60 -32.09
CA GLU A 118 -14.01 -2.92 -32.46
C GLU A 118 -12.97 -3.42 -31.49
N PHE A 119 -11.96 -2.59 -31.19
CA PHE A 119 -10.90 -3.01 -30.28
C PHE A 119 -11.45 -3.37 -28.92
N ARG A 120 -12.36 -2.55 -28.39
CA ARG A 120 -12.98 -2.86 -27.10
C ARG A 120 -13.69 -4.20 -27.15
N LYS A 121 -14.40 -4.46 -28.26
CA LYS A 121 -15.04 -5.76 -28.42
C LYS A 121 -14.02 -6.89 -28.40
N ILE A 122 -12.89 -6.72 -29.08
CA ILE A 122 -11.87 -7.77 -29.14
C ILE A 122 -11.18 -7.94 -27.79
N ALA A 123 -11.01 -6.86 -27.04
CA ALA A 123 -10.31 -6.96 -25.76
C ALA A 123 -11.19 -7.63 -24.71
N ASN A 124 -12.48 -7.29 -24.70
CA ASN A 124 -13.41 -7.99 -23.81
C ASN A 124 -13.81 -9.37 -24.35
N SER A 125 -13.26 -9.78 -25.49
CA SER A 125 -13.58 -11.09 -26.05
CA SER A 125 -13.58 -11.09 -26.04
C SER A 125 -12.98 -12.19 -25.16
N ASP A 126 -13.37 -13.43 -25.46
CA ASP A 126 -13.05 -14.54 -24.57
C ASP A 126 -11.58 -14.94 -24.63
N LYS A 127 -11.02 -14.94 -25.80
CA LYS A 127 -9.64 -15.39 -25.91
C LYS A 127 -8.58 -14.35 -25.51
N TYR A 128 -9.00 -13.13 -25.28
CA TYR A 128 -8.09 -12.06 -24.90
C TYR A 128 -8.48 -11.37 -23.61
N CYS A 129 -9.58 -11.75 -22.98
CA CYS A 129 -9.99 -11.10 -21.74
C CYS A 129 -9.10 -11.53 -20.58
N THR A 130 -9.15 -10.75 -19.51
CA THR A 130 -8.36 -11.04 -18.33
C THR A 130 -8.72 -12.44 -17.80
N PRO A 131 -7.73 -13.23 -17.36
CA PRO A 131 -8.06 -14.50 -16.71
C PRO A 131 -8.69 -14.26 -15.34
N ARG A 132 -9.14 -15.36 -14.73
CA ARG A 132 -9.67 -15.29 -13.38
C ARG A 132 -8.51 -15.26 -12.38
N TYR A 133 -8.69 -14.52 -11.30
CA TYR A 133 -7.64 -14.39 -10.30
C TYR A 133 -8.23 -13.77 -9.05
N SER A 134 -7.50 -13.91 -7.94
CA SER A 134 -7.90 -13.33 -6.65
C SER A 134 -7.07 -12.10 -6.30
N GLU A 135 -5.75 -12.23 -6.32
CA GLU A 135 -4.83 -11.17 -5.89
C GLU A 135 -3.93 -10.79 -7.04
N PHE A 136 -3.29 -9.62 -6.90
CA PHE A 136 -2.39 -9.14 -7.95
C PHE A 136 -1.25 -10.11 -8.17
N GLU A 137 -0.75 -10.75 -7.11
CA GLU A 137 0.40 -11.63 -7.27
C GLU A 137 0.11 -12.75 -8.26
N GLU A 138 -1.10 -13.32 -8.21
CA GLU A 138 -1.44 -14.40 -9.14
C GLU A 138 -1.51 -13.89 -10.57
N LEU A 139 -2.12 -12.71 -10.78
CA LEU A 139 -2.21 -12.15 -12.13
C LEU A 139 -0.83 -11.81 -12.67
N GLU A 140 0.07 -11.31 -11.81
CA GLU A 140 1.44 -11.04 -12.20
C GLU A 140 2.15 -12.33 -12.61
N ARG A 141 2.00 -13.37 -11.79
CA ARG A 141 2.58 -14.67 -12.13
C ARG A 141 2.06 -15.16 -13.47
N LYS A 142 0.77 -14.98 -13.75
CA LYS A 142 0.21 -15.41 -15.02
C LYS A 142 0.72 -14.56 -16.17
N TYR A 143 0.96 -13.27 -15.93
CA TYR A 143 1.57 -12.44 -16.96
C TYR A 143 2.93 -12.97 -17.34
N TRP A 144 3.82 -13.13 -16.36
CA TRP A 144 5.17 -13.57 -16.67
C TRP A 144 5.22 -15.02 -17.12
N LYS A 145 4.20 -15.81 -16.81
CA LYS A 145 4.14 -17.19 -17.23
C LYS A 145 3.62 -17.35 -18.65
N ASN A 146 2.71 -16.47 -19.10
CA ASN A 146 2.04 -16.60 -20.38
C ASN A 146 2.37 -15.47 -21.35
N LEU A 147 3.44 -14.74 -21.06
N LEU A 147 3.40 -14.68 -21.10
CA LEU A 147 3.83 -13.56 -21.82
CA LEU A 147 3.57 -13.50 -21.96
C LEU A 147 4.03 -13.88 -23.30
C LEU A 147 4.04 -13.85 -23.36
N THR A 148 4.60 -15.05 -23.59
CA THR A 148 4.96 -15.44 -24.95
C THR A 148 3.85 -16.17 -25.68
N PHE A 149 2.67 -16.35 -25.06
CA PHE A 149 1.57 -17.08 -25.66
C PHE A 149 0.45 -16.13 -26.07
N ASN A 150 -0.26 -16.50 -27.14
CA ASN A 150 -1.45 -15.78 -27.59
CA ASN A 150 -1.45 -15.78 -27.59
C ASN A 150 -1.18 -14.28 -27.67
N PRO A 151 -0.34 -13.85 -28.60
CA PRO A 151 0.04 -12.42 -28.67
C PRO A 151 -1.18 -11.51 -28.70
N PRO A 152 -1.25 -10.55 -27.79
CA PRO A 152 -2.38 -9.60 -27.78
C PRO A 152 -2.16 -8.45 -28.75
N ILE A 153 -3.15 -7.56 -28.80
CA ILE A 153 -3.14 -6.38 -29.65
C ILE A 153 -3.15 -5.15 -28.75
N TYR A 154 -2.25 -4.21 -29.02
CA TYR A 154 -2.15 -2.98 -28.24
C TYR A 154 -2.52 -1.82 -29.15
N GLY A 155 -3.62 -1.13 -28.83
CA GLY A 155 -4.00 0.06 -29.56
C GLY A 155 -3.14 1.23 -29.15
N ALA A 156 -1.85 1.13 -29.42
CA ALA A 156 -0.85 2.04 -28.88
C ALA A 156 -0.56 3.18 -29.85
N ASP A 157 -0.05 4.27 -29.28
CA ASP A 157 0.47 5.38 -30.05
C ASP A 157 -0.59 6.04 -30.93
N VAL A 158 -1.72 6.39 -30.32
CA VAL A 158 -2.83 7.06 -31.01
C VAL A 158 -2.76 8.56 -30.70
N ASN A 159 -2.54 9.36 -31.75
CA ASN A 159 -2.57 10.81 -31.57
C ASN A 159 -3.98 11.26 -31.19
N GLY A 160 -4.09 11.97 -30.09
CA GLY A 160 -5.38 12.46 -29.64
C GLY A 160 -5.42 12.57 -28.13
N THR A 161 -6.55 13.08 -27.65
CA THR A 161 -6.78 13.29 -26.23
C THR A 161 -8.27 13.10 -25.95
N LEU A 162 -8.58 12.54 -24.78
CA LEU A 162 -9.95 12.40 -24.34
C LEU A 162 -10.36 13.46 -23.34
N TYR A 163 -9.46 14.40 -23.02
CA TYR A 163 -9.84 15.58 -22.26
C TYR A 163 -10.80 16.43 -23.06
N GLU A 164 -11.61 17.20 -22.36
CA GLU A 164 -12.50 18.17 -22.98
C GLU A 164 -11.83 19.54 -22.96
N LYS A 165 -11.96 20.28 -24.07
CA LYS A 165 -11.22 21.51 -24.26
C LYS A 165 -11.28 22.45 -23.06
N HIS A 166 -12.31 22.33 -22.23
CA HIS A 166 -12.51 23.25 -21.12
C HIS A 166 -11.75 22.86 -19.86
N VAL A 167 -11.19 21.65 -19.79
CA VAL A 167 -10.50 21.18 -18.60
C VAL A 167 -9.09 21.78 -18.57
N ASP A 168 -8.79 22.54 -17.52
CA ASP A 168 -7.51 23.26 -17.43
C ASP A 168 -6.61 22.74 -16.32
N GLU A 169 -6.97 21.64 -15.66
CA GLU A 169 -6.14 21.06 -14.61
C GLU A 169 -5.52 19.77 -15.13
N TRP A 170 -4.18 19.70 -15.08
CA TRP A 170 -3.45 18.51 -15.48
C TRP A 170 -3.89 18.05 -16.87
N ASN A 171 -4.09 19.01 -17.77
CA ASN A 171 -4.48 18.70 -19.13
C ASN A 171 -3.24 18.24 -19.89
N ILE A 172 -3.20 16.94 -20.24
CA ILE A 172 -2.04 16.35 -20.87
C ILE A 172 -1.74 17.00 -22.22
N GLY A 173 -2.69 17.70 -22.81
CA GLY A 173 -2.46 18.38 -24.07
C GLY A 173 -1.81 19.73 -23.96
N ARG A 174 -1.77 20.32 -22.77
CA ARG A 174 -1.20 21.65 -22.60
C ARG A 174 -0.78 21.86 -21.14
N LEU A 175 0.23 21.10 -20.70
CA LEU A 175 0.72 21.24 -19.33
C LEU A 175 1.50 22.52 -19.13
N ARG A 176 2.00 23.13 -20.21
CA ARG A 176 2.68 24.42 -20.14
C ARG A 176 3.94 24.34 -19.28
N THR A 177 4.78 23.34 -19.56
CA THR A 177 6.10 23.24 -18.97
C THR A 177 7.13 23.81 -19.94
N ILE A 178 8.36 23.93 -19.45
CA ILE A 178 9.43 24.50 -20.27
C ILE A 178 9.74 23.65 -21.49
N LEU A 179 9.26 22.40 -21.53
CA LEU A 179 9.41 21.60 -22.73
C LEU A 179 8.78 22.29 -23.93
N ASP A 180 7.77 23.12 -23.70
CA ASP A 180 7.13 23.87 -24.78
C ASP A 180 8.07 24.85 -25.45
N LEU A 181 9.28 25.08 -24.91
CA LEU A 181 10.27 25.86 -25.65
C LEU A 181 10.65 25.16 -26.93
N VAL A 182 10.64 23.83 -26.93
CA VAL A 182 10.78 23.07 -28.16
C VAL A 182 9.78 23.57 -29.19
N GLU A 183 8.57 23.91 -28.76
CA GLU A 183 7.51 24.37 -29.65
C GLU A 183 7.47 25.90 -29.79
N LYS A 184 7.43 26.61 -28.67
CA LYS A 184 7.13 28.05 -28.72
C LYS A 184 8.27 28.85 -29.33
N GLU A 185 9.52 28.47 -29.03
CA GLU A 185 10.68 29.21 -29.52
C GLU A 185 11.31 28.58 -30.75
N SER A 186 11.16 27.27 -30.94
CA SER A 186 11.78 26.56 -32.05
C SER A 186 10.77 25.99 -33.04
N GLY A 187 9.49 25.96 -32.70
CA GLY A 187 8.46 25.58 -33.66
C GLY A 187 8.58 24.17 -34.19
N ILE A 188 8.76 23.19 -33.30
CA ILE A 188 8.87 21.78 -33.67
C ILE A 188 7.92 20.98 -32.79
N THR A 189 7.08 20.17 -33.43
CA THR A 189 6.15 19.29 -32.73
C THR A 189 6.67 17.86 -32.81
N ILE A 190 6.81 17.22 -31.66
CA ILE A 190 7.22 15.82 -31.59
C ILE A 190 6.05 15.06 -30.98
N GLU A 191 5.34 14.32 -31.82
CA GLU A 191 4.18 13.56 -31.37
C GLU A 191 4.53 12.71 -30.15
N GLY A 192 3.76 12.91 -29.08
CA GLY A 192 3.91 12.10 -27.87
C GLY A 192 4.93 12.63 -26.89
N VAL A 193 5.71 13.62 -27.28
CA VAL A 193 6.65 14.26 -26.38
C VAL A 193 6.06 15.54 -25.80
N ASN A 194 5.51 16.40 -26.66
CA ASN A 194 4.71 17.54 -26.21
C ASN A 194 3.32 17.55 -26.85
N THR A 195 2.87 16.41 -27.36
CA THR A 195 1.47 16.24 -27.74
C THR A 195 0.95 14.95 -27.12
N PRO A 196 -0.37 14.84 -26.92
CA PRO A 196 -0.89 13.68 -26.18
C PRO A 196 -0.99 12.42 -27.02
N TYR A 197 -0.94 11.30 -26.32
CA TYR A 197 -1.07 9.97 -26.91
CA TYR A 197 -1.14 10.01 -26.95
C TYR A 197 -2.12 9.17 -26.14
N LEU A 198 -2.80 8.29 -26.84
CA LEU A 198 -3.76 7.37 -26.24
C LEU A 198 -3.27 5.94 -26.44
N TYR A 199 -3.53 5.10 -25.44
CA TYR A 199 -3.09 3.71 -25.43
C TYR A 199 -4.29 2.87 -24.99
N PHE A 200 -4.81 2.09 -25.93
CA PHE A 200 -5.92 1.18 -25.65
C PHE A 200 -5.33 -0.20 -25.37
N GLY A 201 -5.35 -0.60 -24.11
CA GLY A 201 -4.77 -1.85 -23.69
C GLY A 201 -5.80 -2.96 -23.61
N MET A 202 -5.31 -4.18 -23.73
CA MET A 202 -6.05 -5.38 -23.37
C MET A 202 -5.16 -6.20 -22.46
N TRP A 203 -5.70 -7.30 -21.94
CA TRP A 203 -4.95 -8.13 -21.03
C TRP A 203 -3.62 -8.55 -21.65
N LYS A 204 -2.54 -8.37 -20.89
CA LYS A 204 -1.22 -8.90 -21.20
C LYS A 204 -0.47 -8.08 -22.23
N THR A 205 -0.98 -6.93 -22.66
CA THR A 205 -0.18 -6.02 -23.46
C THR A 205 0.86 -5.33 -22.58
N SER A 206 2.06 -5.17 -23.12
CA SER A 206 3.22 -4.79 -22.33
C SER A 206 3.82 -3.48 -22.82
N PHE A 207 4.52 -2.79 -21.93
CA PHE A 207 5.49 -1.77 -22.31
C PHE A 207 6.84 -2.15 -21.73
N ALA A 208 7.85 -2.18 -22.60
CA ALA A 208 9.17 -2.69 -22.24
C ALA A 208 9.93 -1.69 -21.37
N TRP A 209 11.04 -2.13 -20.83
CA TRP A 209 11.88 -1.30 -20.00
C TRP A 209 12.48 -0.17 -20.83
N HIS A 210 12.30 1.03 -20.34
CA HIS A 210 12.84 2.20 -21.02
C HIS A 210 12.82 3.35 -20.05
N THR A 211 13.58 4.38 -20.37
CA THR A 211 13.52 5.73 -19.82
C THR A 211 12.79 6.51 -21.00
N GLU A 212 12.28 7.68 -20.71
CA GLU A 212 11.64 8.48 -21.71
C GLU A 212 12.65 9.04 -22.69
N ASP A 213 12.22 9.35 -23.91
CA ASP A 213 13.09 10.02 -24.86
C ASP A 213 13.73 11.23 -24.21
N MET A 214 15.02 11.42 -24.46
CA MET A 214 15.81 12.50 -23.86
C MET A 214 15.75 12.48 -22.33
N ASP A 215 15.39 11.32 -21.75
CA ASP A 215 15.27 11.17 -20.30
C ASP A 215 14.37 12.24 -19.69
N LEU A 216 13.28 12.53 -20.37
CA LEU A 216 12.29 13.51 -19.91
C LEU A 216 11.41 12.91 -18.82
N TYR A 217 10.55 13.77 -18.24
CA TYR A 217 9.44 13.27 -17.44
C TYR A 217 8.35 12.74 -18.36
N SER A 218 7.52 11.85 -17.81
CA SER A 218 6.28 11.48 -18.49
C SER A 218 5.11 11.49 -17.52
N ILE A 219 3.93 11.77 -18.07
CA ILE A 219 2.68 11.77 -17.33
C ILE A 219 1.72 10.81 -18.03
N ASN A 220 1.00 10.02 -17.23
CA ASN A 220 0.12 8.96 -17.72
C ASN A 220 -1.14 8.94 -16.86
N TYR A 221 -2.29 9.19 -17.47
CA TYR A 221 -3.57 9.16 -16.79
C TYR A 221 -4.40 7.99 -17.30
N LEU A 222 -4.90 7.16 -16.39
CA LEU A 222 -5.73 6.03 -16.78
C LEU A 222 -7.18 6.50 -16.85
N HIS A 223 -7.68 6.68 -18.08
CA HIS A 223 -9.01 7.26 -18.28
C HIS A 223 -10.11 6.34 -17.75
N PHE A 224 -10.05 5.06 -18.11
CA PHE A 224 -11.08 4.12 -17.70
C PHE A 224 -10.57 2.70 -17.91
N GLY A 225 -11.32 1.75 -17.38
CA GLY A 225 -11.08 0.35 -17.63
C GLY A 225 -10.26 -0.33 -16.56
N GLU A 226 -9.66 -1.45 -16.95
CA GLU A 226 -8.90 -2.26 -16.02
CA GLU A 226 -8.91 -2.26 -16.01
C GLU A 226 -7.57 -1.60 -15.69
N PRO A 227 -6.91 -2.02 -14.61
CA PRO A 227 -5.70 -1.34 -14.16
C PRO A 227 -4.49 -1.55 -15.07
N LYS A 228 -3.43 -0.82 -14.75
CA LYS A 228 -2.15 -0.92 -15.44
C LYS A 228 -1.04 -1.03 -14.39
N SER A 229 -0.28 -2.11 -14.45
CA SER A 229 0.79 -2.33 -13.47
C SER A 229 2.14 -1.88 -13.99
N TRP A 230 2.93 -1.37 -13.06
CA TRP A 230 4.22 -0.72 -13.32
C TRP A 230 5.31 -1.30 -12.44
N TYR A 231 6.49 -1.44 -13.04
CA TYR A 231 7.75 -1.69 -12.37
C TYR A 231 8.66 -0.49 -12.60
N SER A 232 9.43 -0.12 -11.58
CA SER A 232 10.29 1.06 -11.64
C SER A 232 11.62 0.77 -10.96
N VAL A 233 12.68 1.31 -11.54
CA VAL A 233 14.03 1.21 -10.99
C VAL A 233 14.50 2.62 -10.63
N PRO A 234 14.97 2.86 -9.41
CA PRO A 234 15.41 4.21 -9.04
C PRO A 234 16.42 4.74 -10.03
N PRO A 235 16.33 6.02 -10.42
CA PRO A 235 17.35 6.58 -11.32
C PRO A 235 18.77 6.38 -10.84
N GLU A 236 19.01 6.49 -9.53
CA GLU A 236 20.36 6.31 -9.00
C GLU A 236 20.88 4.89 -9.18
N HIS A 237 20.05 3.96 -9.66
CA HIS A 237 20.49 2.61 -9.97
C HIS A 237 20.25 2.26 -11.44
N GLY A 238 19.81 3.22 -12.26
CA GLY A 238 19.50 2.93 -13.64
C GLY A 238 20.65 2.30 -14.38
N LYS A 239 21.85 2.86 -14.22
CA LYS A 239 23.02 2.30 -14.90
C LYS A 239 23.15 0.81 -14.63
N ARG A 240 22.92 0.41 -13.38
CA ARG A 240 23.00 -1.01 -13.06
C ARG A 240 22.13 -1.81 -14.02
N LEU A 241 20.85 -1.45 -14.09
CA LEU A 241 19.94 -2.13 -15.01
C LEU A 241 20.55 -2.18 -16.40
N GLU A 242 21.06 -1.05 -16.88
CA GLU A 242 21.65 -1.02 -18.22
C GLU A 242 22.73 -2.08 -18.34
N ARG A 243 23.70 -2.08 -17.42
CA ARG A 243 24.76 -3.09 -17.49
C ARG A 243 24.15 -4.48 -17.55
N LEU A 244 23.16 -4.73 -16.69
CA LEU A 244 22.52 -6.03 -16.69
C LEU A 244 21.98 -6.35 -18.08
N ALA A 245 21.21 -5.43 -18.66
CA ALA A 245 20.68 -5.66 -19.99
C ALA A 245 21.81 -5.96 -20.97
N LYS A 246 22.91 -5.20 -20.89
CA LYS A 246 24.02 -5.43 -21.79
C LYS A 246 24.55 -6.85 -21.66
N GLY A 247 24.65 -7.35 -20.42
CA GLY A 247 25.13 -8.70 -20.22
C GLY A 247 24.26 -9.73 -20.88
N PHE A 248 22.96 -9.46 -20.97
CA PHE A 248 22.01 -10.43 -21.54
C PHE A 248 21.89 -10.31 -23.05
N PHE A 249 22.04 -9.11 -23.59
CA PHE A 249 21.86 -8.87 -25.03
C PHE A 249 23.11 -8.20 -25.58
N PRO A 250 24.26 -8.89 -25.52
CA PRO A 250 25.51 -8.27 -25.99
C PRO A 250 25.48 -7.85 -27.45
N GLY A 251 24.80 -8.61 -28.31
CA GLY A 251 24.71 -8.21 -29.71
C GLY A 251 23.94 -6.92 -29.89
N SER A 252 22.76 -6.82 -29.25
CA SER A 252 21.99 -5.59 -29.30
C SER A 252 22.80 -4.40 -28.79
N ALA A 253 23.47 -4.58 -27.66
CA ALA A 253 24.30 -3.51 -27.11
C ALA A 253 25.43 -3.15 -28.07
N GLN A 254 25.97 -4.12 -28.79
CA GLN A 254 27.02 -3.84 -29.76
C GLN A 254 26.48 -3.02 -30.91
N SER A 255 25.26 -3.29 -31.36
CA SER A 255 24.67 -2.55 -32.48
C SER A 255 24.21 -1.16 -32.07
N CYS A 256 23.94 -0.93 -30.79
CA CYS A 256 23.40 0.35 -30.34
C CYS A 256 23.64 0.40 -28.84
N GLU A 257 24.30 1.45 -28.37
CA GLU A 257 24.58 1.56 -26.94
C GLU A 257 23.26 1.67 -26.18
N ALA A 258 22.34 2.47 -26.69
CA ALA A 258 21.05 2.72 -26.02
C ALA A 258 19.94 1.85 -26.60
N PHE A 259 20.20 0.55 -26.76
CA PHE A 259 19.23 -0.32 -27.41
C PHE A 259 17.94 -0.43 -26.61
N LEU A 260 17.97 -0.15 -25.31
CA LEU A 260 16.73 -0.17 -24.52
C LEU A 260 15.72 0.86 -25.01
N ARG A 261 16.19 1.93 -25.67
CA ARG A 261 15.25 2.89 -26.25
C ARG A 261 14.43 2.30 -27.38
N HIS A 262 14.84 1.14 -27.92
CA HIS A 262 13.99 0.44 -28.88
C HIS A 262 12.71 -0.08 -28.24
N LYS A 263 12.64 -0.11 -26.91
CA LYS A 263 11.43 -0.51 -26.19
C LYS A 263 10.98 -1.91 -26.60
N MET A 264 11.94 -2.83 -26.67
CA MET A 264 11.69 -4.21 -27.03
C MET A 264 12.10 -5.21 -25.96
N THR A 265 12.72 -4.76 -24.88
CA THR A 265 13.37 -5.65 -23.92
C THR A 265 12.50 -5.79 -22.68
N LEU A 266 12.07 -7.02 -22.40
CA LEU A 266 11.29 -7.34 -21.21
C LEU A 266 12.14 -8.16 -20.25
N ILE A 267 12.13 -7.77 -18.98
CA ILE A 267 12.91 -8.42 -17.93
C ILE A 267 12.02 -8.57 -16.71
N SER A 268 11.92 -9.80 -16.21
CA SER A 268 11.01 -10.09 -15.11
C SER A 268 11.56 -9.58 -13.78
N PRO A 269 10.67 -9.33 -12.81
CA PRO A 269 11.15 -8.92 -11.48
C PRO A 269 11.99 -9.99 -10.80
N LEU A 270 11.76 -11.26 -11.08
CA LEU A 270 12.59 -12.30 -10.48
C LEU A 270 14.03 -12.18 -10.95
N MET A 271 14.25 -11.80 -12.21
CA MET A 271 15.61 -11.60 -12.69
C MET A 271 16.23 -10.34 -12.07
N LEU A 272 15.45 -9.27 -11.94
CA LEU A 272 15.96 -8.09 -11.25
C LEU A 272 16.41 -8.43 -9.84
N LYS A 273 15.58 -9.17 -9.10
CA LYS A 273 15.93 -9.54 -7.73
C LYS A 273 17.14 -10.46 -7.71
N LYS A 274 17.21 -11.40 -8.66
CA LYS A 274 18.32 -12.35 -8.69
C LYS A 274 19.66 -11.63 -8.84
N TYR A 275 19.71 -10.57 -9.63
CA TYR A 275 20.95 -9.85 -9.90
C TYR A 275 21.09 -8.58 -9.05
N GLY A 276 20.22 -8.40 -8.05
CA GLY A 276 20.40 -7.32 -7.11
C GLY A 276 20.03 -5.94 -7.61
N ILE A 277 19.17 -5.85 -8.62
CA ILE A 277 18.69 -4.55 -9.10
C ILE A 277 17.56 -4.09 -8.19
N PRO A 278 17.70 -2.96 -7.48
CA PRO A 278 16.56 -2.46 -6.71
C PRO A 278 15.42 -2.04 -7.63
N PHE A 279 14.19 -2.35 -7.22
CA PHE A 279 13.03 -1.97 -7.99
C PHE A 279 11.82 -1.95 -7.07
N ASP A 280 10.75 -1.33 -7.56
CA ASP A 280 9.47 -1.30 -6.86
C ASP A 280 8.38 -1.52 -7.90
N LYS A 281 7.20 -1.88 -7.43
CA LYS A 281 6.05 -2.09 -8.31
C LYS A 281 4.83 -1.39 -7.73
N VAL A 282 3.92 -1.01 -8.62
CA VAL A 282 2.69 -0.34 -8.21
C VAL A 282 1.64 -0.56 -9.28
N THR A 283 0.37 -0.61 -8.88
CA THR A 283 -0.73 -0.77 -9.81
C THR A 283 -1.52 0.53 -9.87
N GLN A 284 -1.75 1.00 -11.10
CA GLN A 284 -2.48 2.24 -11.37
C GLN A 284 -3.92 1.89 -11.71
N GLU A 285 -4.85 2.51 -11.00
CA GLU A 285 -6.28 2.30 -11.20
C GLU A 285 -6.86 3.41 -12.05
N ALA A 286 -8.05 3.15 -12.62
CA ALA A 286 -8.71 4.15 -13.45
C ALA A 286 -8.91 5.43 -12.65
N GLY A 287 -8.69 6.57 -13.30
CA GLY A 287 -8.78 7.85 -12.65
C GLY A 287 -7.51 8.29 -11.94
N GLU A 288 -6.40 7.57 -12.10
CA GLU A 288 -5.17 7.87 -11.41
C GLU A 288 -4.07 8.27 -12.39
N PHE A 289 -3.16 9.10 -11.88
CA PHE A 289 -2.01 9.56 -12.63
C PHE A 289 -0.75 8.83 -12.16
N MET A 290 0.13 8.54 -13.11
CA MET A 290 1.48 8.10 -12.84
C MET A 290 2.44 9.11 -13.47
N ILE A 291 3.46 9.49 -12.70
CA ILE A 291 4.53 10.37 -13.13
C ILE A 291 5.80 9.54 -13.17
N THR A 292 6.51 9.57 -14.30
CA THR A 292 7.85 9.02 -14.39
C THR A 292 8.84 10.16 -14.47
N PHE A 293 9.96 10.00 -13.77
CA PHE A 293 10.96 11.04 -13.58
C PHE A 293 12.18 10.80 -14.45
N PRO A 294 12.98 11.82 -14.71
CA PRO A 294 14.13 11.66 -15.60
C PRO A 294 15.00 10.48 -15.22
N TYR A 295 15.36 9.69 -16.23
CA TYR A 295 16.21 8.50 -16.08
C TYR A 295 15.59 7.49 -15.11
N GLY A 296 14.27 7.49 -15.01
CA GLY A 296 13.57 6.47 -14.27
C GLY A 296 13.14 5.34 -15.18
N TYR A 297 13.81 4.19 -15.09
CA TYR A 297 13.43 3.05 -15.92
C TYR A 297 12.12 2.46 -15.42
N HIS A 298 11.24 2.16 -16.34
CA HIS A 298 9.98 1.56 -16.01
C HIS A 298 9.48 0.64 -17.08
N ALA A 299 8.60 -0.26 -16.67
CA ALA A 299 8.00 -1.23 -17.58
C ALA A 299 6.69 -1.67 -16.94
N GLY A 300 5.92 -2.48 -17.65
CA GLY A 300 4.70 -3.01 -17.04
C GLY A 300 3.76 -3.61 -18.05
N PHE A 301 2.49 -3.77 -17.62
CA PHE A 301 1.50 -4.43 -18.45
C PHE A 301 0.11 -3.99 -18.03
N ASN A 302 -0.85 -4.19 -18.93
CA ASN A 302 -2.25 -3.87 -18.68
C ASN A 302 -3.01 -5.12 -18.26
N HIS A 303 -3.95 -4.96 -17.32
CA HIS A 303 -4.72 -6.09 -16.80
C HIS A 303 -5.83 -6.51 -17.75
N GLY A 304 -6.39 -5.56 -18.48
CA GLY A 304 -7.48 -5.86 -19.37
C GLY A 304 -7.79 -4.65 -20.22
N PHE A 305 -8.98 -4.65 -20.80
CA PHE A 305 -9.36 -3.54 -21.67
C PHE A 305 -9.31 -2.22 -20.90
N ASN A 306 -8.53 -1.27 -21.41
CA ASN A 306 -8.41 0.03 -20.76
C ASN A 306 -7.96 1.06 -21.78
N CYS A 307 -7.91 2.32 -21.34
CA CYS A 307 -7.41 3.42 -22.15
C CYS A 307 -6.66 4.39 -21.27
N ALA A 308 -5.44 4.74 -21.66
CA ALA A 308 -4.61 5.68 -20.93
C ALA A 308 -4.15 6.78 -21.88
N GLU A 309 -3.83 7.93 -21.31
CA GLU A 309 -3.36 9.08 -22.08
C GLU A 309 -2.07 9.59 -21.47
N SER A 310 -1.07 9.89 -22.31
CA SER A 310 0.21 10.28 -21.75
C SER A 310 0.93 11.26 -22.66
N THR A 311 1.91 11.94 -22.07
CA THR A 311 2.82 12.78 -22.84
C THR A 311 4.08 12.97 -22.00
N ASN A 312 5.09 13.60 -22.60
CA ASN A 312 6.30 13.94 -21.88
C ASN A 312 6.24 15.39 -21.40
N PHE A 313 7.05 15.69 -20.40
CA PHE A 313 7.16 17.07 -19.93
C PHE A 313 8.51 17.22 -19.23
N ALA A 314 8.79 18.46 -18.81
CA ALA A 314 10.12 18.80 -18.30
C ALA A 314 9.99 19.78 -17.13
N THR A 315 11.06 19.83 -16.35
CA THR A 315 11.31 20.87 -15.36
C THR A 315 12.73 21.39 -15.58
N ARG A 316 13.13 22.39 -14.80
CA ARG A 316 14.50 22.88 -14.89
C ARG A 316 15.49 21.76 -14.60
N ARG A 317 15.20 20.94 -13.57
CA ARG A 317 16.07 19.83 -13.23
C ARG A 317 16.35 18.94 -14.43
N TRP A 318 15.39 18.80 -15.34
CA TRP A 318 15.57 17.91 -16.47
C TRP A 318 16.67 18.37 -17.41
N ILE A 319 16.95 19.67 -17.47
CA ILE A 319 17.86 20.18 -18.49
C ILE A 319 19.15 19.38 -18.49
N GLU A 320 19.76 19.22 -17.32
CA GLU A 320 21.01 18.48 -17.23
C GLU A 320 20.86 17.07 -17.77
N TYR A 321 19.81 16.36 -17.35
CA TYR A 321 19.53 15.05 -17.91
C TYR A 321 19.48 15.11 -19.43
N GLY A 322 18.74 16.07 -19.98
CA GLY A 322 18.67 16.20 -21.42
C GLY A 322 20.03 16.36 -22.05
N LYS A 323 20.94 17.07 -21.37
CA LYS A 323 22.26 17.29 -21.90
C LYS A 323 23.10 16.02 -21.93
N GLN A 324 22.83 15.08 -21.02
CA GLN A 324 23.69 13.91 -20.86
C GLN A 324 23.03 12.62 -21.33
N ALA A 325 21.83 12.68 -21.90
CA ALA A 325 21.13 11.47 -22.31
C ALA A 325 21.88 10.75 -23.42
N VAL A 326 22.00 9.44 -23.29
CA VAL A 326 22.59 8.61 -24.32
C VAL A 326 21.48 8.21 -25.29
N LEU A 327 21.64 8.57 -26.55
CA LEU A 327 20.59 8.40 -27.55
C LEU A 327 20.86 7.20 -28.44
N CYS A 328 19.78 6.71 -29.06
CA CYS A 328 19.89 5.62 -30.02
C CYS A 328 20.64 6.08 -31.26
N SER A 329 21.62 5.29 -31.68
CA SER A 329 22.44 5.62 -32.84
C SER A 329 22.04 4.86 -34.10
N CYS A 330 21.37 3.72 -33.97
CA CYS A 330 21.19 2.80 -35.09
C CYS A 330 19.94 3.07 -35.91
N ARG A 331 19.06 3.97 -35.49
CA ARG A 331 17.77 4.16 -36.14
C ARG A 331 17.61 5.59 -36.63
N LYS A 332 16.89 5.73 -37.74
CA LYS A 332 16.52 7.02 -38.27
C LYS A 332 15.20 7.46 -37.66
N ASP A 333 15.09 8.75 -37.36
CA ASP A 333 13.89 9.37 -36.83
C ASP A 333 13.72 9.12 -35.33
N MET A 334 14.73 8.62 -34.63
CA MET A 334 14.65 8.56 -33.19
C MET A 334 14.58 9.99 -32.63
N VAL A 335 13.88 10.13 -31.52
CA VAL A 335 13.62 11.46 -30.97
C VAL A 335 14.93 12.06 -30.48
N LYS A 336 15.30 13.22 -31.04
CA LYS A 336 16.48 13.95 -30.63
C LYS A 336 16.10 15.41 -30.52
N ILE A 337 16.32 16.00 -29.34
CA ILE A 337 15.92 17.36 -29.04
C ILE A 337 17.18 18.20 -28.84
N SER A 338 17.28 19.30 -29.57
CA SER A 338 18.40 20.21 -29.41
C SER A 338 18.31 20.90 -28.05
N MET A 339 19.33 20.71 -27.22
CA MET A 339 19.36 21.29 -25.89
C MET A 339 19.86 22.72 -25.88
N ASP A 340 20.20 23.28 -27.04
N ASP A 340 20.22 23.29 -27.03
CA ASP A 340 20.83 24.60 -27.09
CA ASP A 340 20.84 24.61 -27.06
C ASP A 340 19.94 25.66 -26.46
C ASP A 340 19.93 25.66 -26.43
N VAL A 341 18.67 25.71 -26.84
CA VAL A 341 17.76 26.74 -26.32
C VAL A 341 17.67 26.65 -24.80
N PHE A 342 17.64 25.42 -24.26
CA PHE A 342 17.51 25.26 -22.81
C PHE A 342 18.73 25.76 -22.07
N VAL A 343 19.92 25.36 -22.52
CA VAL A 343 21.14 25.82 -21.87
C VAL A 343 21.26 27.33 -21.98
N ARG A 344 20.96 27.88 -23.17
CA ARG A 344 21.04 29.31 -23.39
C ARG A 344 20.13 30.07 -22.44
N LYS A 345 18.89 29.61 -22.26
CA LYS A 345 17.94 30.35 -21.45
C LYS A 345 18.17 30.15 -19.95
N PHE A 346 18.32 28.89 -19.52
CA PHE A 346 18.35 28.56 -18.10
C PHE A 346 19.75 28.38 -17.54
N GLN A 347 20.75 28.15 -18.38
CA GLN A 347 22.14 28.01 -17.92
C GLN A 347 23.06 28.95 -18.70
N PRO A 348 22.73 30.24 -18.77
CA PRO A 348 23.58 31.16 -19.56
C PRO A 348 25.06 31.06 -19.18
N GLU A 349 25.38 31.10 -17.89
CA GLU A 349 26.76 31.14 -17.45
C GLU A 349 27.52 29.86 -17.79
N ARG A 350 26.83 28.79 -18.19
CA ARG A 350 27.48 27.55 -18.61
CA ARG A 350 27.49 27.56 -18.60
C ARG A 350 27.47 27.38 -20.12
N TYR A 351 26.65 28.16 -20.84
CA TYR A 351 26.45 27.94 -22.26
C TYR A 351 27.77 27.83 -23.01
N LYS A 352 28.59 28.87 -22.96
CA LYS A 352 29.88 28.83 -23.64
C LYS A 352 30.59 27.52 -23.33
N LEU A 353 30.79 27.23 -22.03
CA LEU A 353 31.51 26.03 -21.65
C LEU A 353 30.88 24.79 -22.27
N TRP A 354 29.55 24.71 -22.26
CA TRP A 354 28.88 23.55 -22.81
C TRP A 354 29.10 23.44 -24.32
N LYS A 355 29.08 24.58 -25.03
CA LYS A 355 29.27 24.54 -26.47
C LYS A 355 30.65 24.00 -26.83
N ALA A 356 31.65 24.28 -25.99
CA ALA A 356 33.02 23.84 -26.24
C ALA A 356 33.24 22.39 -25.87
N GLY A 357 32.26 21.72 -25.28
CA GLY A 357 32.41 20.32 -24.90
C GLY A 357 33.07 20.10 -23.57
N LYS A 358 33.10 21.11 -22.69
CA LYS A 358 33.79 21.00 -21.41
C LYS A 358 32.87 21.23 -20.22
N ASP A 359 31.56 21.04 -20.40
CA ASP A 359 30.62 21.10 -19.28
C ASP A 359 30.61 19.73 -18.60
N ASN A 360 31.37 19.60 -17.52
CA ASN A 360 31.56 18.33 -16.82
C ASN A 360 30.64 18.17 -15.62
N THR A 361 29.43 18.73 -15.69
CA THR A 361 28.50 18.62 -14.58
C THR A 361 28.13 17.17 -14.32
N VAL A 362 28.09 16.81 -13.03
CA VAL A 362 27.71 15.47 -12.59
C VAL A 362 26.33 15.55 -11.96
N ILE A 363 25.42 14.70 -12.42
CA ILE A 363 24.04 14.71 -11.95
C ILE A 363 23.95 13.96 -10.63
N ASP A 364 23.30 14.57 -9.64
CA ASP A 364 22.95 13.93 -8.38
C ASP A 364 21.46 13.62 -8.43
N HIS A 365 21.13 12.34 -8.59
CA HIS A 365 19.74 11.92 -8.80
C HIS A 365 18.84 12.16 -7.60
N THR A 366 19.40 12.50 -6.43
CA THR A 366 18.58 12.67 -5.24
C THR A 366 18.07 14.09 -5.04
N LEU A 367 18.64 15.06 -5.75
CA LEU A 367 18.27 16.46 -5.55
C LEU A 367 16.93 16.75 -6.23
N PRO A 368 16.01 17.44 -5.57
CA PRO A 368 14.78 17.86 -6.24
C PRO A 368 15.04 19.03 -7.16
N THR A 369 14.07 19.32 -8.01
CA THR A 369 14.21 20.43 -8.94
C THR A 369 14.25 21.75 -8.15
N PRO A 370 15.04 22.72 -8.59
CA PRO A 370 15.18 23.95 -7.78
C PRO A 370 13.87 24.65 -7.49
N GLU A 371 12.88 24.55 -8.37
CA GLU A 371 11.58 25.17 -8.11
C GLU A 371 10.96 24.69 -6.80
N ALA A 372 11.47 23.61 -6.22
CA ALA A 372 10.95 23.07 -4.97
C ALA A 372 11.50 23.76 -3.74
N ALA A 373 12.44 24.70 -3.88
CA ALA A 373 13.08 25.29 -2.71
C ALA A 373 12.05 25.90 -1.76
N GLU A 374 10.99 26.51 -2.30
CA GLU A 374 9.99 27.14 -1.47
C GLU A 374 9.28 26.12 -0.62
N PHE A 375 9.18 24.91 -1.11
CA PHE A 375 8.52 23.86 -0.34
C PHE A 375 9.52 23.27 0.65
N LEU A 376 10.82 23.35 0.33
CA LEU A 376 11.83 22.88 1.27
C LEU A 376 12.01 23.85 2.44
N SER B 25 -14.11 -15.87 -6.17
CA SER B 25 -14.97 -16.77 -5.41
C SER B 25 -15.97 -15.98 -4.59
N GLU B 26 -16.96 -16.70 -4.04
CA GLU B 26 -18.00 -16.04 -3.25
C GLU B 26 -17.41 -15.26 -2.08
N SER B 27 -16.31 -15.74 -1.51
CA SER B 27 -15.66 -15.00 -0.44
C SER B 27 -15.03 -13.71 -0.96
N GLU B 28 -14.49 -13.74 -2.18
CA GLU B 28 -13.95 -12.53 -2.79
C GLU B 28 -15.05 -11.51 -3.05
N THR B 29 -16.31 -11.96 -3.21
CA THR B 29 -17.40 -11.04 -3.53
C THR B 29 -17.93 -10.32 -2.30
N LEU B 30 -17.73 -10.86 -1.10
CA LEU B 30 -18.25 -10.24 0.11
C LEU B 30 -17.22 -9.36 0.82
N ASN B 31 -17.67 -8.17 1.22
CA ASN B 31 -16.82 -7.09 1.71
C ASN B 31 -15.62 -6.94 0.76
N PRO B 32 -15.88 -6.77 -0.53
CA PRO B 32 -14.76 -6.66 -1.49
C PRO B 32 -13.84 -5.49 -1.21
N SER B 33 -14.35 -4.44 -0.56
CA SER B 33 -13.54 -3.29 -0.21
C SER B 33 -12.70 -3.52 1.04
N ALA B 34 -12.97 -4.58 1.80
CA ALA B 34 -12.25 -4.89 3.03
C ALA B 34 -12.37 -3.74 4.04
N ARG B 35 -13.48 -3.01 3.99
CA ARG B 35 -13.72 -1.94 4.94
CA ARG B 35 -13.72 -1.94 4.94
C ARG B 35 -14.16 -2.51 6.28
N ILE B 36 -13.93 -1.73 7.34
CA ILE B 36 -14.34 -2.15 8.67
C ILE B 36 -15.86 -2.18 8.75
N MET B 37 -16.40 -3.25 9.30
CA MET B 37 -17.85 -3.46 9.37
C MET B 37 -18.32 -3.38 10.81
N THR B 38 -19.55 -2.90 10.97
CA THR B 38 -20.18 -2.77 12.28
C THR B 38 -21.44 -3.62 12.30
N PHE B 39 -21.63 -4.34 13.40
CA PHE B 39 -22.73 -5.29 13.52
C PHE B 39 -23.58 -4.96 14.74
N TYR B 40 -24.90 -5.03 14.56
CA TYR B 40 -25.88 -4.77 15.60
C TYR B 40 -26.71 -6.04 15.78
N PRO B 41 -26.25 -6.98 16.59
CA PRO B 41 -26.96 -8.25 16.74
C PRO B 41 -28.17 -8.11 17.66
N THR B 42 -29.13 -9.01 17.46
CA THR B 42 -30.18 -9.18 18.44
C THR B 42 -29.65 -9.97 19.64
N MET B 43 -30.41 -9.93 20.73
CA MET B 43 -29.99 -10.67 21.91
C MET B 43 -29.93 -12.17 21.64
N GLU B 44 -30.73 -12.66 20.69
CA GLU B 44 -30.68 -14.06 20.32
C GLU B 44 -29.39 -14.38 19.58
N GLU B 45 -29.03 -13.55 18.60
CA GLU B 45 -27.77 -13.73 17.88
C GLU B 45 -26.59 -13.59 18.83
N PHE B 46 -26.67 -12.62 19.76
CA PHE B 46 -25.55 -12.32 20.64
C PHE B 46 -25.20 -13.46 21.58
N ARG B 47 -26.10 -14.44 21.75
CA ARG B 47 -25.93 -15.43 22.80
C ARG B 47 -24.76 -16.37 22.53
N ASN B 48 -24.59 -16.80 21.27
CA ASN B 48 -23.56 -17.77 20.92
C ASN B 48 -22.39 -17.03 20.28
N PHE B 49 -21.27 -16.97 21.01
CA PHE B 49 -20.13 -16.18 20.55
C PHE B 49 -19.53 -16.74 19.26
N SER B 50 -19.00 -17.96 19.32
CA SER B 50 -18.35 -18.54 18.14
C SER B 50 -19.27 -18.51 16.94
N ARG B 51 -20.54 -18.84 17.14
CA ARG B 51 -21.51 -18.82 16.05
C ARG B 51 -21.57 -17.43 15.41
N TYR B 52 -21.62 -16.38 16.23
CA TYR B 52 -21.71 -15.03 15.67
C TYR B 52 -20.43 -14.61 14.98
N ILE B 53 -19.26 -15.03 15.50
CA ILE B 53 -18.02 -14.77 14.79
C ILE B 53 -18.07 -15.40 13.40
N ALA B 54 -18.51 -16.64 13.33
CA ALA B 54 -18.66 -17.29 12.04
C ALA B 54 -19.64 -16.54 11.15
N TYR B 55 -20.69 -15.96 11.74
CA TYR B 55 -21.63 -15.18 10.94
C TYR B 55 -20.96 -13.94 10.34
N ILE B 56 -20.28 -13.15 11.17
CA ILE B 56 -19.68 -11.92 10.66
C ILE B 56 -18.59 -12.25 9.64
N GLU B 57 -17.92 -13.40 9.80
CA GLU B 57 -16.98 -13.83 8.77
C GLU B 57 -17.70 -14.22 7.49
N SER B 58 -18.89 -14.82 7.61
CA SER B 58 -19.69 -15.14 6.43
C SER B 58 -20.14 -13.89 5.70
N GLN B 59 -20.05 -12.72 6.33
CA GLN B 59 -20.34 -11.45 5.69
C GLN B 59 -19.08 -10.72 5.24
N GLY B 60 -17.91 -11.35 5.38
CA GLY B 60 -16.66 -10.76 4.92
C GLY B 60 -16.02 -9.77 5.86
N ALA B 61 -16.50 -9.67 7.10
CA ALA B 61 -15.92 -8.72 8.05
C ALA B 61 -14.43 -8.95 8.22
N HIS B 62 -14.02 -10.22 8.31
CA HIS B 62 -12.63 -10.56 8.60
C HIS B 62 -11.66 -9.94 7.59
N ARG B 63 -12.14 -9.68 6.37
CA ARG B 63 -11.25 -9.12 5.36
C ARG B 63 -10.69 -7.76 5.77
N ALA B 64 -11.37 -7.05 6.67
CA ALA B 64 -10.84 -5.77 7.14
C ALA B 64 -9.75 -5.94 8.20
N GLY B 65 -9.68 -7.13 8.81
CA GLY B 65 -8.81 -7.34 9.96
C GLY B 65 -9.38 -6.85 11.27
N LEU B 66 -10.46 -6.07 11.22
CA LEU B 66 -11.03 -5.46 12.40
C LEU B 66 -12.52 -5.25 12.15
N ALA B 67 -13.33 -5.52 13.17
CA ALA B 67 -14.78 -5.33 13.06
C ALA B 67 -15.31 -4.85 14.41
N LYS B 68 -16.43 -4.13 14.37
CA LYS B 68 -17.08 -3.64 15.57
C LYS B 68 -18.39 -4.37 15.77
N VAL B 69 -18.69 -4.69 17.02
CA VAL B 69 -19.96 -5.31 17.40
C VAL B 69 -20.55 -4.50 18.54
N VAL B 70 -21.70 -3.88 18.28
CA VAL B 70 -22.45 -3.16 19.31
C VAL B 70 -23.44 -4.16 19.91
N PRO B 71 -23.35 -4.49 21.20
CA PRO B 71 -24.25 -5.48 21.76
C PRO B 71 -25.66 -4.93 21.86
N PRO B 72 -26.66 -5.78 22.10
CA PRO B 72 -28.02 -5.27 22.31
C PRO B 72 -28.05 -4.37 23.53
N LYS B 73 -28.74 -3.24 23.40
CA LYS B 73 -28.75 -2.25 24.46
C LYS B 73 -29.24 -2.82 25.78
N GLU B 74 -29.95 -3.96 25.75
CA GLU B 74 -30.45 -4.59 26.96
C GLU B 74 -29.41 -5.43 27.68
N TRP B 75 -28.16 -5.41 27.22
CA TRP B 75 -27.10 -6.23 27.76
C TRP B 75 -26.10 -5.38 28.55
N LYS B 76 -25.72 -5.87 29.73
CA LYS B 76 -24.77 -5.17 30.59
C LYS B 76 -23.93 -6.24 31.29
N PRO B 77 -22.60 -6.16 31.21
CA PRO B 77 -21.76 -7.17 31.89
C PRO B 77 -21.43 -6.87 33.35
N ARG B 78 -21.63 -5.66 33.84
CA ARG B 78 -21.40 -5.34 35.24
C ARG B 78 -22.48 -4.39 35.73
N ALA B 79 -22.83 -4.54 37.01
CA ALA B 79 -23.82 -3.66 37.63
C ALA B 79 -23.29 -2.23 37.69
N SER B 80 -22.25 -2.01 38.49
CA SER B 80 -21.66 -0.69 38.65
C SER B 80 -20.14 -0.80 38.67
N TYR B 81 -19.48 0.29 38.31
CA TYR B 81 -18.02 0.38 38.32
C TYR B 81 -17.50 1.25 39.45
N ASP B 82 -18.28 1.42 40.51
CA ASP B 82 -17.94 2.36 41.57
C ASP B 82 -16.95 1.81 42.58
N ASP B 83 -16.66 0.51 42.53
CA ASP B 83 -15.71 -0.12 43.44
C ASP B 83 -14.29 -0.14 42.89
N ILE B 84 -14.08 0.32 41.65
CA ILE B 84 -12.81 0.12 40.99
C ILE B 84 -11.69 0.90 41.68
N ASP B 85 -11.98 2.11 42.15
CA ASP B 85 -10.94 3.05 42.56
C ASP B 85 -9.87 2.42 43.43
N ASP B 86 -10.22 1.34 44.14
CA ASP B 86 -9.28 0.66 45.02
C ASP B 86 -8.46 -0.44 44.33
N LEU B 87 -8.91 -0.88 43.15
CA LEU B 87 -8.20 -1.93 42.44
C LEU B 87 -6.77 -1.48 42.13
N VAL B 88 -5.85 -2.44 42.14
CA VAL B 88 -4.42 -2.15 42.03
C VAL B 88 -3.99 -2.33 40.58
N ILE B 89 -3.00 -1.54 40.18
CA ILE B 89 -2.33 -1.66 38.90
C ILE B 89 -0.86 -1.97 39.16
N PRO B 90 -0.48 -3.25 39.13
CA PRO B 90 0.87 -3.61 39.57
C PRO B 90 2.00 -2.87 38.86
N ALA B 91 1.86 -2.59 37.57
CA ALA B 91 2.98 -2.07 36.77
C ALA B 91 2.46 -1.13 35.69
N PRO B 92 2.09 0.10 36.07
CA PRO B 92 1.80 1.11 35.04
C PRO B 92 3.05 1.44 34.25
N ILE B 93 2.86 1.78 32.98
CA ILE B 93 3.98 2.05 32.08
C ILE B 93 3.82 3.46 31.52
N GLN B 94 4.89 4.24 31.63
CA GLN B 94 5.00 5.56 31.03
C GLN B 94 5.50 5.39 29.60
N GLN B 95 4.75 5.91 28.64
CA GLN B 95 5.02 5.67 27.22
C GLN B 95 5.80 6.85 26.66
N LEU B 96 7.09 6.63 26.46
CA LEU B 96 7.98 7.64 25.87
C LEU B 96 8.09 7.31 24.39
N VAL B 97 7.75 8.27 23.54
CA VAL B 97 7.77 8.04 22.10
C VAL B 97 8.86 8.90 21.48
N THR B 98 9.60 8.32 20.54
CA THR B 98 10.68 9.01 19.85
C THR B 98 10.51 8.83 18.35
N GLY B 99 10.69 9.90 17.61
CA GLY B 99 10.66 9.81 16.16
C GLY B 99 10.13 11.09 15.55
N GLN B 100 9.74 10.97 14.28
CA GLN B 100 9.33 12.13 13.49
C GLN B 100 8.80 11.62 12.16
N SER B 101 8.18 12.53 11.40
CA SER B 101 7.76 12.24 10.04
C SER B 101 6.86 11.01 9.98
N GLY B 102 5.98 10.86 10.97
CA GLY B 102 5.04 9.76 11.00
C GLY B 102 5.64 8.42 11.37
N LEU B 103 6.92 8.36 11.72
CA LEU B 103 7.57 7.12 12.13
C LEU B 103 8.06 7.28 13.55
N PHE B 104 7.62 6.39 14.44
CA PHE B 104 7.96 6.50 15.86
C PHE B 104 8.22 5.14 16.46
N THR B 105 9.04 5.13 17.50
CA THR B 105 9.30 3.97 18.34
C THR B 105 8.93 4.33 19.77
N GLN B 106 8.22 3.43 20.45
CA GLN B 106 7.68 3.67 21.78
C GLN B 106 8.42 2.81 22.79
N TYR B 107 9.00 3.47 23.80
CA TYR B 107 9.70 2.81 24.90
C TYR B 107 8.84 2.91 26.15
N ASN B 108 8.73 1.79 26.87
CA ASN B 108 7.92 1.72 28.08
C ASN B 108 8.83 1.86 29.31
N ILE B 109 8.41 2.70 30.25
CA ILE B 109 9.12 2.92 31.50
C ILE B 109 8.18 2.51 32.63
N GLN B 110 8.46 1.38 33.26
CA GLN B 110 7.56 0.85 34.28
C GLN B 110 7.61 1.74 35.51
N LYS B 111 6.46 2.31 35.89
CA LYS B 111 6.35 3.11 37.09
C LYS B 111 5.89 2.25 38.26
N LYS B 112 5.92 2.83 39.45
CA LYS B 112 5.58 2.08 40.66
C LYS B 112 4.11 1.71 40.68
N ALA B 113 3.81 0.58 41.32
CA ALA B 113 2.44 0.13 41.48
C ALA B 113 1.57 1.26 42.02
N MET B 114 0.33 1.34 41.55
CA MET B 114 -0.55 2.42 41.94
C MET B 114 -2.00 1.99 41.79
N THR B 115 -2.87 2.62 42.57
CA THR B 115 -4.30 2.31 42.57
C THR B 115 -4.97 2.92 41.35
N VAL B 116 -6.25 2.57 41.17
CA VAL B 116 -7.02 3.17 40.09
C VAL B 116 -7.39 4.60 40.41
N ARG B 117 -7.61 4.94 41.69
CA ARG B 117 -7.93 6.33 42.00
C ARG B 117 -6.72 7.23 41.76
N GLU B 118 -5.52 6.73 42.05
CA GLU B 118 -4.32 7.47 41.70
C GLU B 118 -4.22 7.67 40.19
N PHE B 119 -4.34 6.59 39.43
CA PHE B 119 -4.25 6.69 37.97
C PHE B 119 -5.29 7.65 37.43
N ARG B 120 -6.54 7.53 37.89
CA ARG B 120 -7.60 8.42 37.44
C ARG B 120 -7.28 9.88 37.78
N LYS B 121 -6.75 10.12 38.98
CA LYS B 121 -6.39 11.49 39.36
C LYS B 121 -5.32 12.05 38.42
N ILE B 122 -4.26 11.27 38.18
CA ILE B 122 -3.21 11.70 37.29
C ILE B 122 -3.74 11.89 35.87
N ALA B 123 -4.71 11.08 35.48
CA ALA B 123 -5.22 11.11 34.10
C ALA B 123 -6.10 12.32 33.87
N ASN B 124 -6.88 12.72 34.88
CA ASN B 124 -7.70 13.92 34.78
C ASN B 124 -6.92 15.18 35.14
N SER B 125 -5.68 15.04 35.61
CA SER B 125 -4.79 16.18 35.82
C SER B 125 -4.88 17.14 34.64
N ASP B 126 -4.79 18.44 34.94
CA ASP B 126 -4.68 19.42 33.87
C ASP B 126 -3.57 19.06 32.91
N LYS B 127 -2.55 18.35 33.39
CA LYS B 127 -1.37 18.04 32.59
C LYS B 127 -1.68 16.96 31.54
N TYR B 128 -2.43 15.93 31.92
CA TYR B 128 -2.61 14.76 31.07
C TYR B 128 -3.99 14.67 30.44
N CYS B 129 -4.91 15.57 30.75
CA CYS B 129 -6.29 15.40 30.32
C CYS B 129 -6.44 15.68 28.84
N THR B 130 -7.63 15.37 28.32
CA THR B 130 -7.88 15.44 26.89
C THR B 130 -7.94 16.91 26.43
N PRO B 131 -7.38 17.23 25.27
CA PRO B 131 -7.57 18.58 24.71
C PRO B 131 -8.99 18.77 24.18
N ARG B 132 -9.36 20.04 24.02
CA ARG B 132 -10.63 20.39 23.41
C ARG B 132 -10.54 20.26 21.90
N TYR B 133 -11.68 19.96 21.28
CA TYR B 133 -11.72 19.71 19.83
C TYR B 133 -13.18 19.54 19.42
N SER B 134 -13.40 19.55 18.10
CA SER B 134 -14.73 19.35 17.55
C SER B 134 -14.92 18.08 16.73
N GLU B 135 -14.25 17.93 15.60
CA GLU B 135 -14.40 16.73 14.78
C GLU B 135 -13.30 15.81 15.28
N PHE B 136 -13.49 14.51 15.06
CA PHE B 136 -12.46 13.54 15.41
C PHE B 136 -11.16 13.82 14.69
N GLU B 137 -11.22 14.35 13.46
CA GLU B 137 -10.01 14.60 12.70
C GLU B 137 -9.09 15.57 13.43
N GLU B 138 -9.66 16.52 14.18
CA GLU B 138 -8.84 17.46 14.92
C GLU B 138 -8.09 16.76 16.06
N LEU B 139 -8.79 15.90 16.81
CA LEU B 139 -8.15 15.17 17.88
C LEU B 139 -7.11 14.19 17.35
N GLU B 140 -7.36 13.61 16.17
CA GLU B 140 -6.37 12.75 15.53
C GLU B 140 -5.12 13.54 15.16
N ARG B 141 -5.32 14.70 14.52
CA ARG B 141 -4.17 15.56 14.18
CA ARG B 141 -4.18 15.56 14.18
C ARG B 141 -3.39 15.94 15.43
N LYS B 142 -4.10 16.24 16.53
CA LYS B 142 -3.41 16.58 17.77
C LYS B 142 -2.66 15.38 18.33
N TYR B 143 -3.22 14.18 18.20
CA TYR B 143 -2.52 12.98 18.65
C TYR B 143 -1.21 12.82 17.90
N TRP B 144 -1.26 12.82 16.56
CA TRP B 144 -0.04 12.62 15.79
C TRP B 144 0.90 13.81 15.87
N LYS B 145 0.44 14.96 16.36
CA LYS B 145 1.32 16.11 16.52
C LYS B 145 2.06 16.11 17.85
N ASN B 146 1.43 15.67 18.93
CA ASN B 146 1.98 15.79 20.28
C ASN B 146 2.33 14.44 20.90
N LEU B 147 2.43 13.41 20.06
N LEU B 147 2.39 13.37 20.12
CA LEU B 147 2.65 12.04 20.52
CA LEU B 147 2.58 12.06 20.74
C LEU B 147 3.95 11.88 21.29
C LEU B 147 3.96 11.92 21.40
N THR B 148 4.97 12.65 20.92
CA THR B 148 6.29 12.56 21.54
C THR B 148 6.43 13.46 22.76
N PHE B 149 5.41 14.25 23.08
CA PHE B 149 5.49 15.22 24.17
C PHE B 149 4.66 14.75 25.36
N ASN B 150 5.10 15.14 26.57
CA ASN B 150 4.35 14.89 27.79
C ASN B 150 3.96 13.41 27.89
N PRO B 151 4.93 12.51 28.02
CA PRO B 151 4.64 11.08 27.96
C PRO B 151 3.56 10.68 28.96
N PRO B 152 2.47 10.09 28.51
CA PRO B 152 1.40 9.66 29.42
C PRO B 152 1.74 8.33 30.08
N ILE B 153 0.80 7.84 30.87
CA ILE B 153 0.94 6.58 31.59
C ILE B 153 -0.23 5.68 31.23
N TYR B 154 0.07 4.44 30.87
CA TYR B 154 -0.93 3.46 30.47
C TYR B 154 -1.00 2.39 31.55
N GLY B 155 -2.18 2.19 32.12
CA GLY B 155 -2.38 1.10 33.06
C GLY B 155 -2.68 -0.19 32.35
N ALA B 156 -1.70 -0.72 31.63
CA ALA B 156 -1.90 -1.81 30.70
C ALA B 156 -1.56 -3.16 31.34
N ASP B 157 -2.09 -4.21 30.72
CA ASP B 157 -1.72 -5.59 31.04
C ASP B 157 -2.01 -5.93 32.50
N VAL B 158 -3.18 -5.53 32.98
CA VAL B 158 -3.59 -5.82 34.35
C VAL B 158 -4.42 -7.11 34.36
N ASN B 159 -3.93 -8.11 35.08
CA ASN B 159 -4.63 -9.39 35.16
C ASN B 159 -5.95 -9.22 35.88
N GLY B 160 -7.04 -9.58 35.21
CA GLY B 160 -8.34 -9.58 35.84
C GLY B 160 -9.44 -9.32 34.84
N THR B 161 -10.67 -9.37 35.34
CA THR B 161 -11.88 -9.16 34.57
C THR B 161 -12.83 -8.28 35.36
N LEU B 162 -13.65 -7.51 34.66
CA LEU B 162 -14.73 -6.74 35.28
C LEU B 162 -16.09 -7.37 35.04
N TYR B 163 -16.14 -8.52 34.38
CA TYR B 163 -17.41 -9.20 34.15
C TYR B 163 -17.95 -9.77 35.46
N GLU B 164 -19.27 -9.71 35.62
CA GLU B 164 -19.90 -10.41 36.72
C GLU B 164 -19.87 -11.91 36.45
N LYS B 165 -19.71 -12.69 37.51
CA LYS B 165 -19.43 -14.13 37.39
C LYS B 165 -20.57 -14.89 36.73
N HIS B 166 -21.68 -14.22 36.41
CA HIS B 166 -22.86 -14.88 35.86
C HIS B 166 -23.16 -14.50 34.42
N VAL B 167 -22.49 -13.50 33.86
CA VAL B 167 -22.73 -13.12 32.47
C VAL B 167 -22.24 -14.25 31.57
N ASP B 168 -23.16 -14.78 30.75
CA ASP B 168 -22.86 -15.91 29.89
C ASP B 168 -22.69 -15.53 28.42
N GLU B 169 -22.98 -14.28 28.06
CA GLU B 169 -22.90 -13.84 26.67
C GLU B 169 -21.62 -13.02 26.50
N TRP B 170 -20.73 -13.48 25.62
CA TRP B 170 -19.51 -12.75 25.29
C TRP B 170 -18.70 -12.43 26.54
N ASN B 171 -18.51 -13.43 27.39
CA ASN B 171 -17.73 -13.27 28.61
C ASN B 171 -16.26 -13.51 28.28
N ILE B 172 -15.45 -12.46 28.38
CA ILE B 172 -14.05 -12.53 27.99
C ILE B 172 -13.27 -13.53 28.82
N GLY B 173 -13.76 -13.88 30.00
CA GLY B 173 -13.09 -14.87 30.82
C GLY B 173 -13.42 -16.32 30.48
N ARG B 174 -14.44 -16.55 29.66
CA ARG B 174 -14.82 -17.90 29.29
C ARG B 174 -15.64 -17.90 28.00
N LEU B 175 -14.98 -17.59 26.88
CA LEU B 175 -15.66 -17.54 25.58
C LEU B 175 -15.90 -18.92 24.99
N ARG B 176 -15.12 -19.93 25.40
CA ARG B 176 -15.35 -21.32 25.01
C ARG B 176 -15.05 -21.55 23.53
N THR B 177 -13.97 -20.95 23.02
CA THR B 177 -13.48 -21.26 21.70
C THR B 177 -12.46 -22.39 21.79
N ILE B 178 -11.96 -22.85 20.63
CA ILE B 178 -11.00 -23.96 20.62
C ILE B 178 -9.64 -23.56 21.18
N LEU B 179 -9.40 -22.26 21.42
CA LEU B 179 -8.17 -21.87 22.10
C LEU B 179 -8.07 -22.54 23.47
N ASP B 180 -9.22 -22.85 24.07
CA ASP B 180 -9.23 -23.56 25.35
C ASP B 180 -8.45 -24.87 25.30
N LEU B 181 -8.18 -25.39 24.10
CA LEU B 181 -7.43 -26.64 24.00
C LEU B 181 -6.02 -26.50 24.54
N VAL B 182 -5.46 -25.28 24.53
CA VAL B 182 -4.10 -25.09 25.04
C VAL B 182 -4.04 -25.47 26.51
N GLU B 183 -4.81 -24.78 27.35
CA GLU B 183 -4.83 -25.10 28.77
C GLU B 183 -5.32 -26.53 28.99
N LYS B 184 -6.48 -26.87 28.43
CA LYS B 184 -7.10 -28.16 28.66
C LYS B 184 -6.10 -29.30 28.50
N GLU B 185 -5.27 -29.24 27.47
CA GLU B 185 -4.35 -30.33 27.18
C GLU B 185 -3.02 -30.20 27.92
N SER B 186 -2.59 -28.98 28.25
CA SER B 186 -1.26 -28.77 28.82
C SER B 186 -1.28 -28.10 30.18
N GLY B 187 -2.41 -27.54 30.61
CA GLY B 187 -2.44 -26.74 31.81
C GLY B 187 -1.79 -25.38 31.70
N ILE B 188 -1.24 -25.05 30.54
CA ILE B 188 -0.50 -23.80 30.36
C ILE B 188 -1.47 -22.64 30.30
N THR B 189 -1.22 -21.62 31.11
CA THR B 189 -1.97 -20.37 31.09
C THR B 189 -1.04 -19.27 30.58
N ILE B 190 -1.53 -18.46 29.66
CA ILE B 190 -0.75 -17.40 29.04
C ILE B 190 -1.48 -16.09 29.31
N GLU B 191 -0.98 -15.29 30.25
CA GLU B 191 -1.67 -14.08 30.66
C GLU B 191 -1.98 -13.14 29.52
N GLY B 192 -3.24 -12.77 29.41
CA GLY B 192 -3.71 -11.93 28.34
C GLY B 192 -4.11 -12.66 27.07
N VAL B 193 -3.65 -13.89 26.88
CA VAL B 193 -3.92 -14.64 25.67
C VAL B 193 -5.11 -15.59 25.87
N ASN B 194 -5.00 -16.49 26.85
CA ASN B 194 -6.14 -17.29 27.28
C ASN B 194 -6.55 -16.90 28.70
N THR B 195 -6.21 -15.69 29.12
CA THR B 195 -6.76 -15.06 30.31
C THR B 195 -7.01 -13.60 30.00
N PRO B 196 -7.89 -12.93 30.74
CA PRO B 196 -8.22 -11.55 30.40
C PRO B 196 -7.20 -10.54 30.92
N TYR B 197 -7.10 -9.43 30.18
CA TYR B 197 -6.33 -8.26 30.59
C TYR B 197 -7.23 -7.04 30.68
N LEU B 198 -6.93 -6.17 31.64
CA LEU B 198 -7.56 -4.86 31.74
C LEU B 198 -6.56 -3.78 31.32
N TYR B 199 -7.01 -2.76 30.66
CA TYR B 199 -6.20 -1.63 30.18
C TYR B 199 -6.86 -0.35 30.66
N PHE B 200 -6.20 0.36 31.57
CA PHE B 200 -6.66 1.66 32.04
C PHE B 200 -5.91 2.72 31.25
N GLY B 201 -6.61 3.40 30.36
CA GLY B 201 -5.99 4.33 29.43
C GLY B 201 -6.24 5.78 29.81
N MET B 202 -5.31 6.65 29.40
CA MET B 202 -5.44 8.09 29.52
C MET B 202 -5.14 8.69 28.16
N TRP B 203 -5.39 9.99 28.01
CA TRP B 203 -5.19 10.64 26.72
C TRP B 203 -3.79 10.38 26.19
N LYS B 204 -3.71 10.09 24.91
CA LYS B 204 -2.42 9.93 24.24
C LYS B 204 -1.74 8.58 24.46
N THR B 205 -2.36 7.70 25.23
CA THR B 205 -1.82 6.35 25.36
C THR B 205 -2.08 5.58 24.08
N SER B 206 -1.08 4.81 23.66
CA SER B 206 -1.07 4.21 22.33
C SER B 206 -0.82 2.71 22.44
N PHE B 207 -1.33 1.97 21.44
CA PHE B 207 -0.89 0.61 21.19
C PHE B 207 -0.32 0.55 19.78
N ALA B 208 0.90 0.03 19.68
CA ALA B 208 1.65 0.04 18.44
C ALA B 208 1.07 -0.96 17.43
N TRP B 209 1.56 -0.88 16.21
CA TRP B 209 1.11 -1.77 15.16
C TRP B 209 1.52 -3.21 15.47
N HIS B 210 0.56 -4.11 15.42
CA HIS B 210 0.80 -5.50 15.68
C HIS B 210 -0.35 -6.40 15.22
N THR B 211 -0.06 -7.68 15.15
CA THR B 211 -1.03 -8.70 14.90
C THR B 211 -0.92 -9.38 16.25
N GLU B 212 -1.89 -10.19 16.59
CA GLU B 212 -1.86 -10.85 17.87
C GLU B 212 -0.84 -11.96 17.94
N ASP B 213 -0.47 -12.32 19.14
CA ASP B 213 0.45 -13.44 19.32
C ASP B 213 -0.09 -14.67 18.61
N MET B 214 0.80 -15.41 17.94
CA MET B 214 0.43 -16.56 17.13
C MET B 214 -0.62 -16.20 16.08
N ASP B 215 -0.75 -14.91 15.76
CA ASP B 215 -1.75 -14.43 14.82
C ASP B 215 -3.15 -14.93 15.16
N LEU B 216 -3.48 -14.89 16.45
CA LEU B 216 -4.81 -15.25 16.95
C LEU B 216 -5.82 -14.13 16.70
N TYR B 217 -7.09 -14.44 16.93
CA TYR B 217 -8.09 -13.39 17.07
C TYR B 217 -7.91 -12.69 18.41
N SER B 218 -8.41 -11.45 18.49
CA SER B 218 -8.55 -10.80 19.78
C SER B 218 -9.94 -10.18 19.90
N ILE B 219 -10.38 -10.06 21.15
CA ILE B 219 -11.63 -9.40 21.50
C ILE B 219 -11.32 -8.31 22.52
N ASN B 220 -11.91 -7.14 22.32
CA ASN B 220 -11.65 -5.96 23.14
C ASN B 220 -12.98 -5.30 23.45
N TYR B 221 -13.32 -5.19 24.73
CA TYR B 221 -14.57 -4.59 25.18
C TYR B 221 -14.27 -3.33 25.95
N LEU B 222 -14.89 -2.21 25.56
CA LEU B 222 -14.64 -0.95 26.26
C LEU B 222 -15.68 -0.81 27.38
N HIS B 223 -15.25 -1.05 28.61
CA HIS B 223 -16.18 -1.03 29.74
C HIS B 223 -16.76 0.36 29.95
N PHE B 224 -15.90 1.37 30.09
CA PHE B 224 -16.36 2.73 30.34
C PHE B 224 -15.26 3.70 29.94
N GLY B 225 -15.62 4.98 29.86
CA GLY B 225 -14.67 6.05 29.67
C GLY B 225 -14.74 6.63 28.27
N GLU B 226 -13.71 7.42 27.95
CA GLU B 226 -13.63 8.05 26.64
CA GLU B 226 -13.62 8.06 26.65
C GLU B 226 -13.24 7.04 25.58
N PRO B 227 -13.57 7.31 24.32
CA PRO B 227 -13.37 6.30 23.27
C PRO B 227 -11.91 5.93 23.02
N LYS B 228 -11.74 4.83 22.31
CA LYS B 228 -10.46 4.29 21.90
C LYS B 228 -10.48 4.11 20.39
N SER B 229 -9.55 4.76 19.70
CA SER B 229 -9.55 4.79 18.24
C SER B 229 -8.53 3.81 17.66
N TRP B 230 -8.90 3.26 16.49
CA TRP B 230 -8.24 2.12 15.88
C TRP B 230 -7.93 2.39 14.40
N TYR B 231 -6.77 1.92 13.97
CA TYR B 231 -6.41 1.75 12.57
C TYR B 231 -6.19 0.27 12.30
N SER B 232 -6.58 -0.18 11.11
CA SER B 232 -6.48 -1.58 10.74
C SER B 232 -6.01 -1.70 9.30
N VAL B 233 -5.23 -2.75 9.03
CA VAL B 233 -4.76 -3.07 7.68
C VAL B 233 -5.34 -4.44 7.33
N PRO B 234 -6.01 -4.59 6.18
CA PRO B 234 -6.54 -5.91 5.80
C PRO B 234 -5.46 -6.97 5.83
N PRO B 235 -5.77 -8.17 6.36
CA PRO B 235 -4.77 -9.25 6.36
C PRO B 235 -4.18 -9.52 4.98
N GLU B 236 -4.99 -9.47 3.92
CA GLU B 236 -4.49 -9.72 2.58
C GLU B 236 -3.47 -8.68 2.13
N HIS B 237 -3.25 -7.62 2.93
CA HIS B 237 -2.20 -6.64 2.65
C HIS B 237 -1.18 -6.55 3.79
N GLY B 238 -1.29 -7.40 4.81
CA GLY B 238 -0.39 -7.31 5.94
C GLY B 238 1.07 -7.33 5.52
N LYS B 239 1.43 -8.26 4.62
CA LYS B 239 2.82 -8.37 4.20
C LYS B 239 3.32 -7.04 3.69
N ARG B 240 2.51 -6.31 2.94
CA ARG B 240 2.94 -5.00 2.43
CA ARG B 240 2.95 -5.01 2.43
C ARG B 240 3.35 -4.10 3.59
N LEU B 241 2.48 -3.99 4.58
CA LEU B 241 2.84 -3.21 5.76
C LEU B 241 4.20 -3.66 6.29
N GLU B 242 4.37 -4.97 6.46
CA GLU B 242 5.63 -5.48 6.97
C GLU B 242 6.79 -4.97 6.13
N ARG B 243 6.67 -5.11 4.81
CA ARG B 243 7.76 -4.65 3.94
C ARG B 243 8.05 -3.18 4.22
N LEU B 244 7.00 -2.36 4.25
CA LEU B 244 7.20 -0.95 4.53
C LEU B 244 7.96 -0.77 5.84
N ALA B 245 7.51 -1.45 6.89
CA ALA B 245 8.15 -1.31 8.18
C ALA B 245 9.63 -1.69 8.09
N LYS B 246 9.93 -2.77 7.36
CA LYS B 246 11.33 -3.19 7.26
C LYS B 246 12.18 -2.10 6.62
N GLY B 247 11.61 -1.38 5.65
CA GLY B 247 12.38 -0.31 5.03
C GLY B 247 12.61 0.86 5.95
N PHE B 248 11.70 1.09 6.89
CA PHE B 248 11.83 2.23 7.80
C PHE B 248 12.68 1.92 9.01
N PHE B 249 12.70 0.66 9.44
CA PHE B 249 13.44 0.25 10.64
C PHE B 249 14.34 -0.93 10.28
N PRO B 250 15.31 -0.71 9.40
CA PRO B 250 16.13 -1.84 8.92
C PRO B 250 16.96 -2.50 10.02
N GLY B 251 17.42 -1.73 11.01
CA GLY B 251 18.15 -2.34 12.11
C GLY B 251 17.29 -3.30 12.91
N SER B 252 16.11 -2.84 13.33
CA SER B 252 15.19 -3.70 14.06
C SER B 252 14.85 -4.95 13.25
N ALA B 253 14.62 -4.79 11.95
CA ALA B 253 14.28 -5.94 11.12
C ALA B 253 15.45 -6.91 11.01
N GLN B 254 16.67 -6.38 10.92
CA GLN B 254 17.86 -7.23 10.89
C GLN B 254 18.00 -8.01 12.19
N SER B 255 17.65 -7.39 13.32
CA SER B 255 17.80 -8.05 14.61
C SER B 255 16.74 -9.11 14.86
N CYS B 256 15.54 -8.93 14.32
CA CYS B 256 14.43 -9.83 14.62
C CYS B 256 13.53 -9.92 13.39
N GLU B 257 13.15 -11.13 13.02
CA GLU B 257 12.30 -11.27 11.85
C GLU B 257 10.96 -10.58 12.07
N ALA B 258 10.33 -10.84 13.20
CA ALA B 258 9.07 -10.19 13.50
C ALA B 258 9.18 -9.08 14.53
N PHE B 259 9.99 -8.05 14.25
CA PHE B 259 10.21 -7.00 15.23
C PHE B 259 8.93 -6.25 15.58
N LEU B 260 7.93 -6.25 14.68
CA LEU B 260 6.67 -5.61 15.01
C LEU B 260 6.00 -6.25 16.22
N ARG B 261 6.30 -7.52 16.50
CA ARG B 261 5.74 -8.16 17.68
C ARG B 261 6.26 -7.57 18.99
N HIS B 262 7.34 -6.78 18.94
CA HIS B 262 7.76 -6.06 20.13
C HIS B 262 6.75 -4.99 20.51
N LYS B 263 5.83 -4.64 19.61
CA LYS B 263 4.77 -3.67 19.88
C LYS B 263 5.36 -2.32 20.31
N MET B 264 6.36 -1.87 19.56
CA MET B 264 7.01 -0.59 19.80
C MET B 264 6.92 0.37 18.61
N THR B 265 6.33 -0.06 17.49
CA THR B 265 6.44 0.67 16.23
C THR B 265 5.12 1.37 15.94
N LEU B 266 5.16 2.70 15.86
CA LEU B 266 4.01 3.52 15.53
C LEU B 266 4.22 4.15 14.16
N ILE B 267 3.20 4.03 13.30
CA ILE B 267 3.25 4.55 11.93
C ILE B 267 1.95 5.30 11.69
N SER B 268 2.05 6.56 11.29
CA SER B 268 0.87 7.39 11.13
C SER B 268 0.11 7.01 9.85
N PRO B 269 -1.20 7.28 9.81
CA PRO B 269 -1.96 6.96 8.59
C PRO B 269 -1.48 7.71 7.36
N LEU B 270 -0.94 8.92 7.52
CA LEU B 270 -0.43 9.63 6.36
C LEU B 270 0.77 8.93 5.74
N MET B 271 1.60 8.28 6.58
CA MET B 271 2.67 7.45 6.04
C MET B 271 2.11 6.28 5.24
N LEU B 272 1.08 5.60 5.78
CA LEU B 272 0.48 4.48 5.07
C LEU B 272 -0.08 4.93 3.72
N LYS B 273 -0.89 5.98 3.73
CA LYS B 273 -1.39 6.54 2.47
C LYS B 273 -0.25 6.84 1.51
N LYS B 274 0.81 7.47 2.03
CA LYS B 274 1.90 7.91 1.19
C LYS B 274 2.58 6.75 0.48
N TYR B 275 2.60 5.57 1.11
CA TYR B 275 3.24 4.40 0.51
C TYR B 275 2.23 3.34 0.09
N GLY B 276 0.97 3.74 -0.10
CA GLY B 276 -0.01 2.89 -0.73
C GLY B 276 -0.47 1.71 0.08
N ILE B 277 -0.36 1.77 1.40
CA ILE B 277 -0.83 0.69 2.26
C ILE B 277 -2.32 0.87 2.51
N PRO B 278 -3.18 -0.07 2.12
CA PRO B 278 -4.61 0.09 2.43
C PRO B 278 -4.86 -0.08 3.92
N PHE B 279 -5.69 0.81 4.47
CA PHE B 279 -6.05 0.76 5.87
C PHE B 279 -7.43 1.38 6.05
N ASP B 280 -7.98 1.20 7.25
CA ASP B 280 -9.25 1.80 7.62
C ASP B 280 -9.15 2.25 9.07
N LYS B 281 -10.06 3.15 9.46
CA LYS B 281 -10.10 3.68 10.82
C LYS B 281 -11.48 3.47 11.41
N VAL B 282 -11.53 3.32 12.73
CA VAL B 282 -12.82 3.25 13.43
C VAL B 282 -12.60 3.72 14.86
N THR B 283 -13.63 4.32 15.44
CA THR B 283 -13.59 4.76 16.83
C THR B 283 -14.51 3.89 17.67
N GLN B 284 -14.00 3.48 18.83
CA GLN B 284 -14.67 2.54 19.73
C GLN B 284 -15.21 3.31 20.92
N GLU B 285 -16.52 3.23 21.14
CA GLU B 285 -17.18 3.89 22.25
C GLU B 285 -17.36 2.91 23.41
N ALA B 286 -17.56 3.47 24.60
CA ALA B 286 -17.83 2.64 25.76
C ALA B 286 -19.04 1.75 25.51
N GLY B 287 -18.95 0.49 25.94
CA GLY B 287 -20.00 -0.47 25.73
C GLY B 287 -19.93 -1.19 24.40
N GLU B 288 -18.90 -0.95 23.60
CA GLU B 288 -18.77 -1.60 22.29
C GLU B 288 -17.64 -2.62 22.30
N PHE B 289 -17.74 -3.55 21.35
CA PHE B 289 -16.78 -4.61 21.13
C PHE B 289 -16.00 -4.36 19.85
N MET B 290 -14.71 -4.67 19.88
CA MET B 290 -13.89 -4.79 18.68
C MET B 290 -13.36 -6.21 18.60
N ILE B 291 -13.42 -6.77 17.39
CA ILE B 291 -12.84 -8.07 17.07
C ILE B 291 -11.69 -7.83 16.10
N THR B 292 -10.50 -8.30 16.44
CA THR B 292 -9.40 -8.36 15.49
C THR B 292 -9.23 -9.80 15.01
N PHE B 293 -8.93 -9.93 13.73
CA PHE B 293 -8.89 -11.22 13.05
C PHE B 293 -7.46 -11.66 12.80
N PRO B 294 -7.24 -12.95 12.55
CA PRO B 294 -5.87 -13.45 12.37
C PRO B 294 -5.10 -12.66 11.31
N TYR B 295 -3.89 -12.25 11.69
CA TYR B 295 -2.98 -11.51 10.83
C TYR B 295 -3.54 -10.15 10.42
N GLY B 296 -4.45 -9.60 11.22
CA GLY B 296 -4.92 -8.24 11.00
C GLY B 296 -4.13 -7.26 11.82
N TYR B 297 -3.26 -6.49 11.16
CA TYR B 297 -2.48 -5.48 11.86
C TYR B 297 -3.38 -4.35 12.33
N HIS B 298 -3.17 -3.93 13.56
CA HIS B 298 -3.93 -2.86 14.14
C HIS B 298 -3.11 -2.01 15.08
N ALA B 299 -3.55 -0.77 15.23
CA ALA B 299 -2.90 0.16 16.14
C ALA B 299 -3.94 1.19 16.56
N GLY B 300 -3.56 2.10 17.45
CA GLY B 300 -4.50 3.13 17.84
C GLY B 300 -4.07 3.85 19.11
N PHE B 301 -5.04 4.50 19.74
CA PHE B 301 -4.77 5.31 20.91
C PHE B 301 -6.07 5.58 21.66
N ASN B 302 -5.94 5.96 22.93
CA ASN B 302 -7.09 6.28 23.76
C ASN B 302 -7.31 7.79 23.81
N HIS B 303 -8.58 8.19 23.86
CA HIS B 303 -8.92 9.61 23.89
C HIS B 303 -8.75 10.21 25.27
N GLY B 304 -8.98 9.44 26.32
CA GLY B 304 -8.85 9.93 27.68
C GLY B 304 -8.91 8.80 28.69
N PHE B 305 -9.34 9.10 29.90
CA PHE B 305 -9.50 8.06 30.92
C PHE B 305 -10.51 7.03 30.46
N ASN B 306 -10.13 5.75 30.50
CA ASN B 306 -11.05 4.68 30.13
C ASN B 306 -10.50 3.36 30.64
N CYS B 307 -11.30 2.31 30.43
CA CYS B 307 -10.97 0.96 30.87
C CYS B 307 -11.47 -0.03 29.83
N ALA B 308 -10.58 -0.85 29.30
CA ALA B 308 -10.92 -1.88 28.33
C ALA B 308 -10.50 -3.24 28.87
N GLU B 309 -11.15 -4.28 28.36
CA GLU B 309 -10.83 -5.66 28.73
C GLU B 309 -10.70 -6.48 27.47
N SER B 310 -9.62 -7.25 27.33
CA SER B 310 -9.40 -7.98 26.09
C SER B 310 -8.78 -9.34 26.38
N THR B 311 -8.91 -10.22 25.38
CA THR B 311 -8.20 -11.50 25.40
C THR B 311 -8.12 -11.98 23.96
N ASN B 312 -7.43 -13.10 23.75
CA ASN B 312 -7.36 -13.73 22.45
C ASN B 312 -8.33 -14.90 22.36
N PHE B 313 -8.66 -15.28 21.13
CA PHE B 313 -9.46 -16.47 20.91
C PHE B 313 -9.15 -17.00 19.51
N ALA B 314 -9.73 -18.16 19.19
CA ALA B 314 -9.43 -18.86 17.96
C ALA B 314 -10.70 -19.42 17.34
N THR B 315 -10.60 -19.72 16.05
CA THR B 315 -11.54 -20.53 15.32
C THR B 315 -10.75 -21.59 14.56
N ARG B 316 -11.46 -22.54 13.95
CA ARG B 316 -10.77 -23.53 13.12
C ARG B 316 -9.89 -22.84 12.08
N ARG B 317 -10.40 -21.77 11.47
CA ARG B 317 -9.64 -21.03 10.46
C ARG B 317 -8.29 -20.58 11.00
N TRP B 318 -8.21 -20.27 12.30
CA TRP B 318 -6.96 -19.76 12.84
C TRP B 318 -5.84 -20.79 12.76
N ILE B 319 -6.17 -22.09 12.78
CA ILE B 319 -5.14 -23.11 12.97
C ILE B 319 -4.02 -22.91 11.95
N GLU B 320 -4.38 -22.75 10.68
CA GLU B 320 -3.34 -22.59 9.66
C GLU B 320 -2.49 -21.35 9.94
N TYR B 321 -3.14 -20.22 10.25
CA TYR B 321 -2.40 -19.04 10.67
C TYR B 321 -1.42 -19.40 11.77
N GLY B 322 -1.90 -20.12 12.80
CA GLY B 322 -1.02 -20.49 13.89
C GLY B 322 0.18 -21.27 13.41
N LYS B 323 -0.02 -22.17 12.44
CA LYS B 323 1.08 -22.98 11.95
C LYS B 323 2.11 -22.13 11.21
N GLN B 324 1.69 -21.03 10.59
CA GLN B 324 2.56 -20.24 9.74
C GLN B 324 2.97 -18.92 10.35
N ALA B 325 2.54 -18.63 11.58
CA ALA B 325 2.87 -17.35 12.20
C ALA B 325 4.37 -17.20 12.33
N VAL B 326 4.87 -16.04 11.92
CA VAL B 326 6.29 -15.72 12.05
C VAL B 326 6.50 -15.08 13.42
N LEU B 327 7.30 -15.73 14.26
CA LEU B 327 7.43 -15.36 15.66
C LEU B 327 8.72 -14.58 15.92
N CYS B 328 8.70 -13.80 16.99
CA CYS B 328 9.88 -13.07 17.43
C CYS B 328 10.98 -14.04 17.81
N SER B 329 12.20 -13.78 17.31
CA SER B 329 13.33 -14.67 17.49
C SER B 329 14.42 -14.10 18.40
N CYS B 330 14.23 -12.90 18.94
CA CYS B 330 15.26 -12.24 19.73
C CYS B 330 14.92 -12.12 21.21
N ARG B 331 13.71 -12.49 21.62
CA ARG B 331 13.31 -12.49 23.01
C ARG B 331 12.89 -13.89 23.40
N LYS B 332 13.42 -14.38 24.52
CA LYS B 332 13.14 -15.74 24.98
C LYS B 332 11.84 -15.84 25.76
N ASP B 333 11.12 -14.73 25.98
CA ASP B 333 9.85 -14.74 26.70
C ASP B 333 8.67 -14.43 25.79
N MET B 334 8.85 -14.53 24.47
CA MET B 334 7.75 -14.31 23.55
C MET B 334 6.76 -15.46 23.62
N VAL B 335 5.51 -15.18 23.27
CA VAL B 335 4.46 -16.18 23.36
C VAL B 335 4.58 -17.15 22.19
N LYS B 336 4.58 -18.45 22.51
CA LYS B 336 4.70 -19.50 21.51
C LYS B 336 3.81 -20.65 21.93
N ILE B 337 2.79 -20.95 21.12
CA ILE B 337 1.82 -21.99 21.40
C ILE B 337 2.14 -23.19 20.53
N SER B 338 2.20 -24.37 21.15
CA SER B 338 2.39 -25.60 20.39
C SER B 338 1.14 -25.88 19.55
N MET B 339 1.32 -25.97 18.23
CA MET B 339 0.22 -26.24 17.33
C MET B 339 -0.09 -27.72 17.19
N ASP B 340 0.69 -28.58 17.84
CA ASP B 340 0.56 -30.03 17.63
CA ASP B 340 0.56 -30.02 17.62
C ASP B 340 -0.87 -30.49 17.87
N VAL B 341 -1.44 -30.15 19.03
CA VAL B 341 -2.78 -30.63 19.37
C VAL B 341 -3.80 -30.22 18.32
N PHE B 342 -3.73 -28.96 17.86
CA PHE B 342 -4.71 -28.48 16.89
C PHE B 342 -4.60 -29.23 15.58
N VAL B 343 -3.38 -29.50 15.13
CA VAL B 343 -3.21 -30.21 13.86
C VAL B 343 -3.69 -31.64 13.98
N ARG B 344 -3.32 -32.33 15.07
CA ARG B 344 -3.80 -33.69 15.26
C ARG B 344 -5.31 -33.75 15.29
N LYS B 345 -5.95 -32.82 15.99
CA LYS B 345 -7.39 -32.92 16.20
C LYS B 345 -8.18 -32.47 14.98
N PHE B 346 -7.80 -31.35 14.37
CA PHE B 346 -8.57 -30.77 13.28
C PHE B 346 -7.97 -30.96 11.90
N GLN B 347 -6.70 -31.36 11.80
CA GLN B 347 -6.05 -31.62 10.51
C GLN B 347 -5.33 -32.96 10.52
N PRO B 348 -6.00 -34.02 10.98
CA PRO B 348 -5.31 -35.32 11.09
C PRO B 348 -4.62 -35.75 9.81
N GLU B 349 -5.32 -35.67 8.68
CA GLU B 349 -4.76 -36.14 7.40
C GLU B 349 -3.49 -35.40 7.02
N ARG B 350 -3.19 -34.27 7.65
CA ARG B 350 -1.98 -33.52 7.33
C ARG B 350 -0.89 -33.66 8.38
N TYR B 351 -1.20 -34.22 9.55
CA TYR B 351 -0.27 -34.19 10.67
C TYR B 351 1.12 -34.67 10.25
N LYS B 352 1.22 -35.91 9.77
CA LYS B 352 2.50 -36.42 9.30
C LYS B 352 3.17 -35.42 8.38
N LEU B 353 2.48 -35.04 7.31
CA LEU B 353 3.06 -34.14 6.33
C LEU B 353 3.58 -32.87 6.99
N TRP B 354 2.84 -32.37 7.99
CA TRP B 354 3.25 -31.15 8.68
C TRP B 354 4.47 -31.39 9.56
N LYS B 355 4.50 -32.53 10.27
CA LYS B 355 5.65 -32.79 11.12
C LYS B 355 6.92 -32.99 10.31
N ALA B 356 6.81 -33.37 9.04
CA ALA B 356 7.95 -33.55 8.16
C ALA B 356 8.29 -32.28 7.38
N GLY B 357 7.71 -31.14 7.75
CA GLY B 357 8.04 -29.88 7.10
C GLY B 357 7.65 -29.80 5.64
N LYS B 358 6.61 -30.54 5.23
CA LYS B 358 6.19 -30.58 3.83
C LYS B 358 4.78 -30.03 3.62
N ASP B 359 4.10 -29.58 4.66
CA ASP B 359 2.77 -28.99 4.52
C ASP B 359 2.91 -27.59 3.94
N ASN B 360 2.73 -27.47 2.62
CA ASN B 360 2.88 -26.20 1.93
C ASN B 360 1.54 -25.52 1.65
N THR B 361 0.55 -25.74 2.52
CA THR B 361 -0.74 -25.06 2.39
C THR B 361 -0.54 -23.56 2.30
N VAL B 362 -1.31 -22.93 1.41
CA VAL B 362 -1.28 -21.48 1.22
C VAL B 362 -2.57 -20.91 1.78
N ILE B 363 -2.44 -19.87 2.61
CA ILE B 363 -3.60 -19.27 3.26
C ILE B 363 -4.28 -18.32 2.30
N ASP B 364 -5.61 -18.40 2.22
CA ASP B 364 -6.43 -17.46 1.48
C ASP B 364 -7.16 -16.59 2.50
N HIS B 365 -6.71 -15.35 2.66
CA HIS B 365 -7.22 -14.47 3.70
C HIS B 365 -8.68 -14.09 3.50
N THR B 366 -9.25 -14.34 2.32
CA THR B 366 -10.64 -13.97 2.08
C THR B 366 -11.61 -15.02 2.56
N LEU B 367 -11.18 -16.27 2.71
CA LEU B 367 -12.11 -17.34 3.07
C LEU B 367 -12.64 -17.15 4.48
N PRO B 368 -13.92 -17.39 4.72
CA PRO B 368 -14.43 -17.44 6.09
C PRO B 368 -14.15 -18.78 6.74
N THR B 369 -14.28 -18.81 8.06
CA THR B 369 -14.01 -20.02 8.80
C THR B 369 -15.07 -21.09 8.50
N PRO B 370 -14.68 -22.37 8.48
CA PRO B 370 -15.65 -23.42 8.13
C PRO B 370 -16.92 -23.42 8.97
N GLU B 371 -16.86 -22.99 10.23
CA GLU B 371 -18.06 -22.99 11.07
C GLU B 371 -19.15 -22.11 10.45
N ALA B 372 -18.77 -21.12 9.65
CA ALA B 372 -19.72 -20.22 9.01
C ALA B 372 -20.49 -20.89 7.89
N ALA B 373 -20.18 -22.14 7.55
CA ALA B 373 -20.77 -22.77 6.37
C ALA B 373 -22.31 -22.75 6.39
N GLU B 374 -22.90 -22.90 7.57
CA GLU B 374 -24.36 -22.97 7.64
C GLU B 374 -24.94 -21.59 7.32
N PHE B 375 -24.26 -20.53 7.74
CA PHE B 375 -24.70 -19.19 7.39
C PHE B 375 -24.56 -18.95 5.89
N LEU B 376 -23.54 -19.54 5.26
CA LEU B 376 -23.38 -19.38 3.83
C LEU B 376 -24.53 -20.02 3.06
N LYS B 377 -25.02 -21.16 3.54
CA LYS B 377 -26.13 -21.86 2.89
C LYS B 377 -27.35 -20.95 2.76
N GLY C 2 4.99 4.78 -33.88
CA GLY C 2 6.05 5.42 -33.11
C GLY C 2 5.71 6.85 -32.74
N 2MR C 3 6.62 7.51 -32.04
CA 2MR C 3 6.42 8.89 -31.62
CB 2MR C 3 5.75 8.91 -30.26
CG 2MR C 3 6.70 8.39 -29.17
CD 2MR C 3 5.90 7.85 -27.99
NE 2MR C 3 6.41 8.60 -26.81
CZ 2MR C 3 5.67 8.98 -25.74
NH1 2MR C 3 6.38 9.44 -24.80
CQ1 2MR C 3 7.85 9.54 -24.86
NH2 2MR C 3 4.33 8.88 -25.70
CQ2 2MR C 3 3.45 9.28 -24.58
C 2MR C 3 7.74 9.59 -31.54
O 2MR C 3 7.85 10.73 -32.04
N SER D 1 3.02 -3.41 25.45
CA SER D 1 2.36 -4.03 26.58
C SER D 1 2.22 -5.48 26.26
N GLY D 2 2.67 -6.38 27.11
CA GLY D 2 2.55 -7.77 26.77
C GLY D 2 2.08 -8.87 27.71
N 2MR D 3 1.34 -9.78 27.10
CA 2MR D 3 0.76 -10.95 27.69
CB 2MR D 3 -0.40 -11.40 26.76
CB 2MR D 3 -0.41 -11.46 26.78
CG 2MR D 3 -1.25 -10.17 26.31
CG 2MR D 3 -1.50 -10.38 26.49
CD 2MR D 3 -1.84 -10.34 24.88
CD 2MR D 3 -1.44 -9.91 25.01
NE 2MR D 3 -2.56 -9.13 24.41
NE 2MR D 3 -2.73 -9.50 24.37
CZ 2MR D 3 -3.82 -8.81 24.76
CZ 2MR D 3 -3.95 -9.35 24.93
NH1 2MR D 3 -4.47 -7.71 24.32
NH1 2MR D 3 -4.98 -8.98 24.22
CQ1 2MR D 3 -3.91 -6.72 23.39
CQ1 2MR D 3 -4.99 -8.69 22.78
NH2 2MR D 3 -4.47 -9.61 25.60
NH2 2MR D 3 -4.15 -9.55 26.23
CQ2 2MR D 3 -5.83 -9.34 26.07
CQ2 2MR D 3 -5.46 -9.41 26.84
C 2MR D 3 1.80 -12.02 27.88
O 2MR D 3 1.89 -12.94 27.02
NI NI E . 7.40 5.55 -20.48
ZN ZN F . 19.40 2.08 -31.58
CL CL G . 21.91 -9.93 -28.26
C1 OGA H . 4.66 6.07 -19.69
C2 OGA H . 4.65 4.78 -20.40
C4 OGA H . 3.45 2.93 -21.43
C5 OGA H . 2.05 2.46 -21.64
O1 OGA H . 3.60 6.58 -19.42
O2 OGA H . 5.82 6.66 -19.34
O2' OGA H . 5.70 4.24 -20.67
O3 OGA H . 1.85 1.32 -22.29
N1 OGA H . 3.47 4.22 -20.73
O4 OGA H . 1.10 3.08 -21.24
NI NI I . -4.18 -6.30 19.49
ZN ZN J . 12.12 -9.98 18.55
CL CL K . 16.30 0.81 12.62
C1 OGA L . -6.50 -5.57 21.04
C2 OGA L . -5.49 -4.54 21.34
C4 OGA L . -4.69 -2.69 22.66
C5 OGA L . -5.13 -1.82 23.78
O1 OGA L . -7.50 -5.60 21.71
O2 OGA L . -6.32 -6.43 20.04
O2' OGA L . -4.47 -4.48 20.68
O3 OGA L . -4.32 -0.85 24.18
N1 OGA L . -5.71 -3.68 22.35
O4 OGA L . -6.21 -1.96 24.30
C1 GOL M . -15.80 6.37 35.50
O1 GOL M . -15.03 6.83 36.63
C2 GOL M . -16.97 5.52 35.99
O2 GOL M . -16.46 4.34 36.61
C3 GOL M . -17.84 5.15 34.81
O3 GOL M . -19.00 4.44 35.27
#